data_3IHV
#
_entry.id   3IHV
#
_cell.length_a   62.908
_cell.length_b   72.318
_cell.length_c   131.629
_cell.angle_alpha   90.000
_cell.angle_beta   97.310
_cell.angle_gamma   90.000
#
_symmetry.space_group_name_H-M   'P 1 21 1'
#
loop_
_entity.id
_entity.type
_entity.pdbx_description
1 polymer 'SusD homolog'
2 non-polymer 'CHLORIDE ION'
3 non-polymer 'SODIUM ION'
4 non-polymer 1,2-ETHANEDIOL
5 water water
#
_entity_poly.entity_id   1
_entity_poly.type   'polypeptide(L)'
_entity_poly.pdbx_seq_one_letter_code
;GEETRTEVEKKNY(MSE)NNAEEAKDVLLGVYRTNTLDA(MSE)YGYYLSILFNLGTDISQVEGSGNENFRIIPTNSFPT
TQSEVQQTWAALYTGIYRANDFLERISNKIGSYTTTDKKLATLYIAEARALRG(MSE)FYFELVRRFGNVVL(MSE)TST
Q(MSE)SNQNPATYVQSAPEKVYEYIEDDLLYACDILPYATDDQYRESNDYRFSKGAALGLLTKVYATWAGYPVKDESKW
EAAAKTARILVESGKHGLLKDYEQLWKNTCNGTWDPTESLIEISFYSPTVSGNSDPVGRIGKWNGVKTTAIAGVRGSCAA
NVKVVHTFVLDWREDVSDIRRDLSIANYQYTDTKKSLWVAGASDTDESAAEKDADPTKAQKNKQNYTPAKWDIQKYVTTN
SFINNDKSNVNWYFLRYADVLLLYAEALNEWKHGPDAEAYNAINAVRRRGYGNPSNTSACDLPQGLDETSFREAVRKERS
YELSFEGHRRQDLIRWGIYYKTVQATAKELGYWWEGTGSPNYSVATYTEEGKHELFPIPQRD(MSE)DLCIQFNQNPKW
;
_entity_poly.pdbx_strand_id   A,B
#
loop_
_chem_comp.id
_chem_comp.type
_chem_comp.name
_chem_comp.formula
CL non-polymer 'CHLORIDE ION' 'Cl -1'
EDO non-polymer 1,2-ETHANEDIOL 'C2 H6 O2'
NA non-polymer 'SODIUM ION' 'Na 1'
#
# COMPACT_ATOMS: atom_id res chain seq x y z
N GLY A 1 -5.24 -16.13 15.73
CA GLY A 1 -5.87 -17.49 15.70
C GLY A 1 -5.41 -18.32 16.87
N GLU A 2 -5.52 -19.65 16.73
CA GLU A 2 -5.16 -20.61 17.79
C GLU A 2 -3.67 -20.57 18.17
N GLU A 3 -2.85 -20.09 17.24
CA GLU A 3 -1.42 -19.87 17.49
C GLU A 3 -1.13 -18.92 18.67
N THR A 4 -2.10 -18.08 19.07
CA THR A 4 -1.90 -17.15 20.21
C THR A 4 -2.52 -17.65 21.54
N ARG A 5 -3.28 -18.75 21.50
CA ARG A 5 -3.91 -19.34 22.70
C ARG A 5 -2.88 -20.20 23.47
N THR A 6 -3.03 -20.30 24.79
CA THR A 6 -2.10 -21.08 25.62
C THR A 6 -2.44 -22.59 25.55
N GLU A 7 -1.57 -23.40 26.16
CA GLU A 7 -1.76 -24.84 26.25
C GLU A 7 -3.03 -25.14 27.07
N VAL A 8 -3.22 -24.41 28.17
CA VAL A 8 -4.39 -24.58 29.05
C VAL A 8 -5.72 -24.22 28.35
N GLU A 9 -5.73 -23.09 27.65
CA GLU A 9 -6.91 -22.62 26.90
C GLU A 9 -7.36 -23.66 25.86
N LYS A 10 -6.39 -24.20 25.11
CA LYS A 10 -6.67 -25.21 24.07
C LYS A 10 -7.19 -26.55 24.63
N LYS A 11 -6.63 -27.00 25.76
CA LYS A 11 -7.06 -28.26 26.40
C LYS A 11 -8.49 -28.17 26.96
N ASN A 12 -8.96 -26.95 27.20
CA ASN A 12 -10.32 -26.69 27.70
C ASN A 12 -11.37 -26.52 26.61
N TYR A 13 -11.02 -26.77 25.34
CA TYR A 13 -11.94 -26.53 24.24
C TYR A 13 -12.03 -27.82 23.38
N MSE A 14 -12.85 -27.77 22.34
CA MSE A 14 -13.05 -28.89 21.42
C MSE A 14 -13.61 -30.13 22.12
O MSE A 14 -13.23 -31.27 21.83
CB MSE A 14 -11.77 -29.20 20.66
CG MSE A 14 -11.28 -27.99 19.82
SE MSE A 14 -9.77 -28.34 18.66
CE MSE A 14 -10.61 -29.95 17.97
N ASN A 15 -14.53 -29.90 23.05
CA ASN A 15 -15.16 -30.97 23.81
C ASN A 15 -16.28 -31.68 23.09
N ASN A 16 -16.69 -31.14 21.94
CA ASN A 16 -17.69 -31.75 21.09
C ASN A 16 -17.47 -31.27 19.67
N ALA A 17 -18.25 -31.79 18.73
CA ALA A 17 -18.07 -31.43 17.32
C ALA A 17 -18.34 -29.95 17.06
N GLU A 18 -19.29 -29.37 17.76
CA GLU A 18 -19.60 -27.94 17.55
C GLU A 18 -18.38 -27.05 17.93
N GLU A 19 -17.71 -27.38 19.02
CA GLU A 19 -16.51 -26.65 19.42
C GLU A 19 -15.37 -26.90 18.45
N ALA A 20 -15.25 -28.15 17.98
CA ALA A 20 -14.22 -28.49 17.02
C ALA A 20 -14.44 -27.71 15.73
N LYS A 21 -15.71 -27.56 15.34
CA LYS A 21 -16.06 -26.87 14.13
C LYS A 21 -15.54 -25.42 14.20
N ASP A 22 -15.74 -24.77 15.33
CA ASP A 22 -15.29 -23.39 15.53
CA ASP A 22 -15.28 -23.39 15.47
C ASP A 22 -13.79 -23.26 15.25
N VAL A 23 -13.00 -24.22 15.76
CA VAL A 23 -11.52 -24.20 15.56
C VAL A 23 -11.20 -24.47 14.09
N LEU A 24 -11.94 -25.39 13.48
CA LEU A 24 -11.74 -25.68 12.04
C LEU A 24 -11.98 -24.45 11.17
N LEU A 25 -13.03 -23.69 11.48
CA LEU A 25 -13.32 -22.48 10.74
C LEU A 25 -12.17 -21.47 10.84
N GLY A 26 -11.41 -21.50 11.94
CA GLY A 26 -10.23 -20.67 12.07
C GLY A 26 -9.11 -21.05 11.11
N VAL A 27 -9.03 -22.33 10.73
CA VAL A 27 -8.07 -22.76 9.74
C VAL A 27 -8.48 -22.16 8.38
N TYR A 28 -9.76 -22.32 8.05
CA TYR A 28 -10.27 -21.70 6.84
C TYR A 28 -10.06 -20.19 6.77
N ARG A 29 -10.21 -19.50 7.89
CA ARG A 29 -10.12 -18.04 7.91
C ARG A 29 -8.77 -17.60 7.38
N THR A 30 -7.74 -18.44 7.46
CA THR A 30 -6.41 -18.08 6.94
C THR A 30 -6.53 -17.61 5.48
N ASN A 31 -7.40 -18.27 4.72
CA ASN A 31 -7.57 -17.97 3.31
C ASN A 31 -7.98 -16.55 2.97
N THR A 32 -8.64 -15.85 3.89
CA THR A 32 -9.17 -14.51 3.64
C THR A 32 -8.13 -13.42 3.87
N LEU A 33 -6.97 -13.78 4.39
CA LEU A 33 -5.90 -12.80 4.57
C LEU A 33 -5.47 -12.16 3.25
N ASP A 34 -5.06 -10.90 3.36
CA ASP A 34 -4.58 -10.13 2.23
C ASP A 34 -3.39 -10.89 1.60
N ALA A 35 -2.53 -11.46 2.44
CA ALA A 35 -1.38 -12.21 1.98
C ALA A 35 -1.68 -13.58 1.41
N MSE A 36 -2.93 -14.02 1.57
CA MSE A 36 -3.47 -15.24 1.00
C MSE A 36 -4.40 -14.83 -0.15
O MSE A 36 -3.96 -14.09 -1.04
CB MSE A 36 -4.17 -16.07 2.10
CG MSE A 36 -3.24 -16.49 3.21
SE MSE A 36 -2.07 -17.96 2.70
CE MSE A 36 -3.40 -19.39 2.57
N TYR A 37 -5.68 -15.21 -0.15
CA TYR A 37 -6.52 -14.97 -1.34
C TYR A 37 -7.19 -13.61 -1.41
N GLY A 38 -7.05 -12.79 -0.35
CA GLY A 38 -7.60 -11.46 -0.43
C GLY A 38 -6.90 -10.61 -1.49
N TYR A 39 -5.63 -10.94 -1.79
CA TYR A 39 -4.81 -10.14 -2.72
C TYR A 39 -3.59 -10.83 -3.27
N TYR A 40 -2.67 -11.33 -2.43
CA TYR A 40 -1.42 -11.82 -3.02
C TYR A 40 -1.54 -13.11 -3.83
N LEU A 41 -2.12 -14.14 -3.25
CA LEU A 41 -2.24 -15.41 -3.95
C LEU A 41 -3.36 -15.43 -5.00
N SER A 42 -4.31 -14.50 -4.88
CA SER A 42 -5.37 -14.41 -5.88
C SER A 42 -4.93 -13.56 -7.06
N ILE A 43 -4.39 -12.39 -6.76
CA ILE A 43 -4.12 -11.42 -7.81
C ILE A 43 -2.66 -11.08 -8.06
N LEU A 44 -1.98 -10.62 -7.04
CA LEU A 44 -0.69 -9.97 -7.21
C LEU A 44 0.42 -10.86 -7.71
N PHE A 45 0.47 -12.09 -7.24
CA PHE A 45 1.57 -12.99 -7.61
C PHE A 45 1.34 -13.74 -8.90
N ASN A 46 0.24 -13.44 -9.60
CA ASN A 46 -0.16 -14.19 -10.78
C ASN A 46 -0.12 -13.37 -12.06
N LEU A 47 0.52 -12.21 -11.99
CA LEU A 47 0.60 -11.34 -13.14
C LEU A 47 1.87 -11.53 -13.94
N GLY A 48 1.85 -10.99 -15.15
CA GLY A 48 3.06 -11.02 -16.00
C GLY A 48 3.17 -12.24 -16.86
N THR A 49 2.16 -12.42 -17.69
CA THR A 49 2.07 -13.57 -18.58
C THR A 49 1.67 -13.14 -19.99
N ASP A 50 1.20 -14.10 -20.81
CA ASP A 50 0.67 -13.78 -22.12
C ASP A 50 -0.73 -13.18 -22.09
N ILE A 51 -1.40 -13.24 -20.94
CA ILE A 51 -2.77 -12.72 -20.86
C ILE A 51 -2.95 -11.49 -19.99
N SER A 52 -2.08 -11.29 -18.96
CA SER A 52 -2.25 -10.14 -18.12
C SER A 52 -0.95 -9.62 -17.56
N GLN A 53 -1.02 -8.37 -17.13
CA GLN A 53 0.11 -7.70 -16.54
C GLN A 53 -0.39 -6.57 -15.67
N VAL A 54 0.51 -6.06 -14.84
CA VAL A 54 0.16 -4.93 -14.02
C VAL A 54 0.08 -3.64 -14.89
N GLU A 55 -0.74 -2.68 -14.45
CA GLU A 55 -0.88 -1.40 -15.11
C GLU A 55 0.45 -0.64 -15.18
N GLY A 56 0.56 0.19 -16.20
CA GLY A 56 1.70 1.12 -16.33
C GLY A 56 2.80 0.66 -17.28
N SER A 57 3.79 1.51 -17.48
CA SER A 57 4.88 1.15 -18.40
C SER A 57 6.13 0.65 -17.73
N GLY A 58 6.23 0.88 -16.42
CA GLY A 58 7.42 0.56 -15.65
C GLY A 58 7.20 -0.36 -14.45
N ASN A 59 8.12 -0.31 -13.50
CA ASN A 59 8.12 -1.25 -12.35
C ASN A 59 8.02 -0.60 -10.99
N GLU A 60 7.54 0.63 -10.96
CA GLU A 60 7.49 1.39 -9.75
C GLU A 60 6.37 0.98 -8.81
N ASN A 61 6.57 1.23 -7.51
CA ASN A 61 5.54 1.01 -6.50
CA ASN A 61 5.52 1.02 -6.55
C ASN A 61 4.99 -0.43 -6.56
N PHE A 62 3.67 -0.62 -6.62
CA PHE A 62 3.04 -1.93 -6.65
C PHE A 62 3.40 -2.76 -7.89
N ARG A 63 4.10 -2.17 -8.86
CA ARG A 63 4.44 -2.89 -10.06
C ARG A 63 5.65 -3.78 -9.91
N ILE A 64 6.32 -3.70 -8.76
CA ILE A 64 7.61 -4.41 -8.63
C ILE A 64 7.51 -5.93 -8.69
N ILE A 65 6.49 -6.52 -8.05
CA ILE A 65 6.33 -7.96 -8.09
C ILE A 65 5.83 -8.45 -9.45
N PRO A 66 4.75 -7.84 -9.98
CA PRO A 66 4.26 -8.29 -11.29
C PRO A 66 5.23 -8.13 -12.45
N THR A 67 6.25 -7.28 -12.32
CA THR A 67 7.25 -7.12 -13.37
C THR A 67 8.50 -7.96 -13.12
N ASN A 68 8.51 -8.77 -12.05
CA ASN A 68 9.66 -9.61 -11.76
C ASN A 68 10.96 -8.85 -11.53
N SER A 69 10.87 -7.75 -10.81
CA SER A 69 12.01 -6.88 -10.58
C SER A 69 12.27 -6.65 -9.09
N PHE A 70 11.78 -7.60 -8.29
CA PHE A 70 11.84 -7.53 -6.83
C PHE A 70 13.00 -8.34 -6.21
N PRO A 71 13.45 -7.90 -5.04
CA PRO A 71 14.57 -8.54 -4.31
C PRO A 71 14.09 -9.62 -3.35
N THR A 72 15.03 -10.38 -2.79
CA THR A 72 14.72 -11.44 -1.83
C THR A 72 14.06 -10.93 -0.54
N THR A 73 14.19 -9.64 -0.27
CA THR A 73 13.65 -8.96 0.88
C THR A 73 12.23 -8.42 0.70
N GLN A 74 11.64 -8.61 -0.47
CA GLN A 74 10.31 -8.06 -0.78
C GLN A 74 9.33 -8.52 0.29
N SER A 75 8.71 -7.54 0.94
CA SER A 75 7.85 -7.80 2.10
CA SER A 75 7.85 -7.80 2.10
C SER A 75 6.68 -8.74 1.83
N GLU A 76 6.02 -8.54 0.70
CA GLU A 76 4.84 -9.33 0.39
C GLU A 76 5.14 -10.82 0.30
N VAL A 77 6.33 -11.15 -0.22
CA VAL A 77 6.77 -12.52 -0.36
C VAL A 77 6.91 -13.14 1.02
N GLN A 78 7.60 -12.44 1.93
CA GLN A 78 7.73 -12.92 3.30
CA GLN A 78 7.74 -12.87 3.32
C GLN A 78 6.34 -13.07 3.96
N GLN A 79 5.44 -12.16 3.70
CA GLN A 79 4.12 -12.23 4.33
C GLN A 79 3.32 -13.46 3.90
N THR A 80 3.41 -13.83 2.61
CA THR A 80 2.72 -15.02 2.13
C THR A 80 3.35 -16.29 2.69
N TRP A 81 4.69 -16.32 2.71
CA TRP A 81 5.39 -17.46 3.29
C TRP A 81 4.90 -17.65 4.73
N ALA A 82 4.88 -16.57 5.51
CA ALA A 82 4.43 -16.61 6.91
C ALA A 82 2.96 -17.01 7.02
N ALA A 83 2.11 -16.50 6.15
CA ALA A 83 0.69 -16.82 6.22
C ALA A 83 0.41 -18.29 5.91
N LEU A 84 1.11 -18.85 4.93
CA LEU A 84 0.95 -20.27 4.61
C LEU A 84 1.34 -21.10 5.80
N TYR A 85 2.49 -20.79 6.39
CA TYR A 85 2.93 -21.53 7.58
C TYR A 85 1.99 -21.36 8.77
N THR A 86 1.32 -20.21 8.87
CA THR A 86 0.33 -20.01 9.91
C THR A 86 -0.86 -20.95 9.65
N GLY A 87 -1.30 -21.01 8.39
CA GLY A 87 -2.37 -21.91 8.01
C GLY A 87 -2.03 -23.33 8.40
N ILE A 88 -0.81 -23.73 8.07
CA ILE A 88 -0.28 -25.08 8.39
C ILE A 88 -0.26 -25.30 9.89
N TYR A 89 0.18 -24.29 10.66
CA TYR A 89 0.19 -24.39 12.12
C TYR A 89 -1.25 -24.63 12.62
N ARG A 90 -2.19 -23.84 12.10
CA ARG A 90 -3.60 -23.97 12.53
C ARG A 90 -4.14 -25.35 12.19
N ALA A 91 -3.84 -25.83 10.99
CA ALA A 91 -4.26 -27.17 10.61
C ALA A 91 -3.65 -28.22 11.53
N ASN A 92 -2.32 -28.15 11.70
CA ASN A 92 -1.61 -29.07 12.61
C ASN A 92 -2.23 -29.05 14.01
N ASP A 93 -2.49 -27.85 14.53
CA ASP A 93 -3.02 -27.67 15.86
C ASP A 93 -4.39 -28.36 16.00
N PHE A 94 -5.26 -28.09 15.03
CA PHE A 94 -6.58 -28.71 15.00
C PHE A 94 -6.50 -30.24 14.98
N LEU A 95 -5.65 -30.77 14.10
CA LEU A 95 -5.47 -32.22 13.95
C LEU A 95 -4.90 -32.89 15.23
N GLU A 96 -3.88 -32.28 15.82
CA GLU A 96 -3.31 -32.77 17.07
C GLU A 96 -4.37 -32.80 18.17
N ARG A 97 -5.12 -31.71 18.29
CA ARG A 97 -6.11 -31.59 19.32
C ARG A 97 -7.31 -32.52 19.15
N ILE A 98 -7.86 -32.59 17.93
CA ILE A 98 -9.01 -33.45 17.74
C ILE A 98 -8.60 -34.92 17.92
N SER A 99 -7.36 -35.30 17.63
CA SER A 99 -6.93 -36.68 17.82
CA SER A 99 -6.93 -36.68 17.81
C SER A 99 -7.11 -37.09 19.28
N ASN A 100 -6.90 -36.16 20.19
CA ASN A 100 -7.04 -36.41 21.61
C ASN A 100 -8.46 -36.27 22.17
N LYS A 101 -9.38 -35.71 21.41
CA LYS A 101 -10.74 -35.45 21.85
CA LYS A 101 -10.75 -35.44 21.85
C LYS A 101 -11.81 -36.35 21.24
N ILE A 102 -11.57 -36.83 20.01
CA ILE A 102 -12.56 -37.62 19.26
C ILE A 102 -13.09 -38.85 20.01
N GLY A 103 -12.23 -39.49 20.78
CA GLY A 103 -12.61 -40.66 21.58
C GLY A 103 -13.76 -40.40 22.52
N SER A 104 -13.85 -39.16 23.00
CA SER A 104 -14.90 -38.72 23.94
C SER A 104 -16.20 -38.27 23.28
N TYR A 105 -16.20 -38.13 21.97
CA TYR A 105 -17.35 -37.64 21.26
C TYR A 105 -18.47 -38.66 21.09
N THR A 106 -19.69 -38.16 20.96
CA THR A 106 -20.85 -39.03 20.69
C THR A 106 -20.68 -39.62 19.29
N THR A 107 -21.43 -40.67 18.96
CA THR A 107 -21.37 -41.27 17.63
C THR A 107 -21.53 -40.26 16.51
N THR A 108 -22.54 -39.39 16.65
CA THR A 108 -22.79 -38.33 15.67
C THR A 108 -21.63 -37.42 15.51
N ASP A 109 -21.06 -37.02 16.64
CA ASP A 109 -19.92 -36.10 16.62
C ASP A 109 -18.63 -36.73 16.13
N LYS A 110 -18.42 -38.03 16.37
CA LYS A 110 -17.23 -38.70 15.82
C LYS A 110 -17.25 -38.66 14.30
N LYS A 111 -18.45 -38.83 13.72
CA LYS A 111 -18.58 -38.80 12.27
C LYS A 111 -18.22 -37.42 11.74
N LEU A 112 -18.81 -36.39 12.37
CA LEU A 112 -18.48 -35.01 12.00
C LEU A 112 -16.99 -34.76 12.16
N ALA A 113 -16.40 -35.25 13.27
CA ALA A 113 -14.98 -35.08 13.52
C ALA A 113 -14.13 -35.64 12.39
N THR A 114 -14.51 -36.79 11.81
CA THR A 114 -13.73 -37.32 10.70
C THR A 114 -13.83 -36.40 9.48
N LEU A 115 -15.01 -35.85 9.24
CA LEU A 115 -15.16 -34.90 8.15
C LEU A 115 -14.26 -33.67 8.40
N TYR A 116 -14.27 -33.17 9.63
CA TYR A 116 -13.46 -32.01 9.97
C TYR A 116 -11.98 -32.28 9.86
N ILE A 117 -11.55 -33.51 10.20
CA ILE A 117 -10.17 -33.94 10.03
C ILE A 117 -9.84 -33.89 8.55
N ALA A 118 -10.76 -34.38 7.72
CA ALA A 118 -10.55 -34.38 6.28
C ALA A 118 -10.43 -32.95 5.74
N GLU A 119 -11.29 -32.04 6.20
CA GLU A 119 -11.25 -30.63 5.80
C GLU A 119 -9.95 -29.97 6.19
N ALA A 120 -9.47 -30.23 7.39
CA ALA A 120 -8.21 -29.65 7.84
C ALA A 120 -7.05 -30.17 7.05
N ARG A 121 -7.06 -31.47 6.76
CA ARG A 121 -6.00 -32.08 5.98
C ARG A 121 -6.04 -31.55 4.54
N ALA A 122 -7.23 -31.35 3.97
CA ALA A 122 -7.35 -30.78 2.63
C ALA A 122 -6.77 -29.37 2.60
N LEU A 123 -7.07 -28.57 3.61
CA LEU A 123 -6.53 -27.22 3.72
C LEU A 123 -5.01 -27.27 3.84
N ARG A 124 -4.51 -28.15 4.70
CA ARG A 124 -3.06 -28.30 4.86
C ARG A 124 -2.37 -28.69 3.52
N GLY A 125 -3.02 -29.58 2.77
CA GLY A 125 -2.53 -29.96 1.44
C GLY A 125 -2.51 -28.77 0.48
N MSE A 126 -3.57 -27.97 0.53
CA MSE A 126 -3.70 -26.76 -0.27
C MSE A 126 -2.56 -25.76 0.09
O MSE A 126 -1.92 -25.19 -0.80
CB MSE A 126 -5.09 -26.13 -0.08
CG MSE A 126 -5.33 -24.95 -0.97
SE MSE A 126 -7.20 -24.45 -0.71
CE MSE A 126 -7.19 -22.58 -1.28
N PHE A 127 -2.31 -25.58 1.39
CA PHE A 127 -1.26 -24.64 1.84
C PHE A 127 0.12 -25.13 1.40
N TYR A 128 0.39 -26.42 1.59
CA TYR A 128 1.66 -26.99 1.13
C TYR A 128 1.80 -26.96 -0.38
N PHE A 129 0.68 -27.10 -1.10
CA PHE A 129 0.74 -27.03 -2.56
C PHE A 129 1.21 -25.66 -2.99
N GLU A 130 0.60 -24.61 -2.42
CA GLU A 130 1.03 -23.25 -2.73
C GLU A 130 2.51 -23.06 -2.40
N LEU A 131 2.92 -23.54 -1.23
CA LEU A 131 4.33 -23.40 -0.84
C LEU A 131 5.25 -24.09 -1.82
N VAL A 132 4.95 -25.34 -2.10
CA VAL A 132 5.87 -26.07 -2.95
C VAL A 132 5.91 -25.55 -4.40
N ARG A 133 4.77 -25.16 -4.96
CA ARG A 133 4.79 -24.74 -6.34
C ARG A 133 5.38 -23.33 -6.47
N ARG A 134 5.18 -22.47 -5.48
CA ARG A 134 5.66 -21.09 -5.57
C ARG A 134 7.09 -20.88 -5.08
N PHE A 135 7.50 -21.66 -4.08
CA PHE A 135 8.80 -21.54 -3.44
C PHE A 135 9.75 -22.68 -3.71
N GLY A 136 9.21 -23.82 -4.16
CA GLY A 136 10.07 -24.93 -4.59
C GLY A 136 10.72 -25.81 -3.54
N ASN A 137 11.42 -25.18 -2.59
CA ASN A 137 12.23 -25.85 -1.59
C ASN A 137 11.82 -25.35 -0.21
N VAL A 138 10.92 -26.11 0.42
CA VAL A 138 10.25 -25.63 1.60
C VAL A 138 10.40 -26.65 2.74
N VAL A 139 10.08 -26.17 3.93
CA VAL A 139 10.13 -26.98 5.14
C VAL A 139 8.80 -27.70 5.37
N LEU A 140 8.90 -29.00 5.65
CA LEU A 140 7.76 -29.78 6.13
C LEU A 140 7.68 -29.53 7.63
N MSE A 141 6.77 -28.63 8.04
CA MSE A 141 6.55 -28.25 9.42
C MSE A 141 5.40 -29.12 9.91
O MSE A 141 4.22 -28.71 9.88
CB MSE A 141 6.21 -26.75 9.51
CG MSE A 141 6.36 -26.16 10.85
SE MSE A 141 8.24 -26.00 11.40
CE MSE A 141 8.83 -24.64 10.23
N THR A 142 5.76 -30.31 10.39
CA THR A 142 4.74 -31.33 10.62
C THR A 142 4.00 -31.35 11.92
N SER A 143 4.37 -30.45 12.82
CA SER A 143 3.65 -30.33 14.08
C SER A 143 3.77 -28.92 14.61
N THR A 144 2.87 -28.56 15.53
CA THR A 144 2.96 -27.30 16.22
C THR A 144 4.25 -27.25 17.04
N GLN A 145 4.65 -28.37 17.61
CA GLN A 145 5.92 -28.41 18.38
C GLN A 145 7.10 -28.00 17.47
N MSE A 146 7.14 -28.49 16.22
CA MSE A 146 8.24 -28.12 15.29
CA MSE A 146 8.25 -28.12 15.34
C MSE A 146 8.31 -26.62 15.10
O MSE A 146 9.40 -26.05 15.01
CB MSE A 146 8.13 -28.77 13.90
CB MSE A 146 8.18 -28.84 14.01
CG MSE A 146 8.77 -30.14 13.76
CG MSE A 146 9.49 -28.81 13.28
SE MSE A 146 8.86 -30.69 11.89
SE MSE A 146 9.33 -29.94 11.77
CE MSE A 146 10.06 -29.32 11.11
CE MSE A 146 8.79 -31.55 12.68
N SER A 147 7.16 -25.95 15.06
CA SER A 147 7.13 -24.51 14.86
CA SER A 147 7.15 -24.51 14.84
C SER A 147 7.84 -23.74 15.97
N ASN A 148 8.04 -24.37 17.12
CA ASN A 148 8.69 -23.73 18.24
C ASN A 148 10.15 -24.15 18.44
N GLN A 149 10.66 -24.96 17.52
CA GLN A 149 12.06 -25.40 17.60
C GLN A 149 12.98 -24.26 17.16
N ASN A 150 14.25 -24.34 17.57
CA ASN A 150 15.27 -23.41 17.13
C ASN A 150 15.34 -23.48 15.59
N PRO A 151 15.28 -22.34 14.89
CA PRO A 151 15.31 -22.40 13.42
C PRO A 151 16.61 -22.93 12.78
N ALA A 152 17.67 -23.09 13.56
CA ALA A 152 18.88 -23.72 13.05
C ALA A 152 18.61 -25.20 12.73
N THR A 153 17.51 -25.73 13.27
CA THR A 153 17.11 -27.12 13.05
C THR A 153 16.27 -27.34 11.78
N TYR A 154 15.80 -26.26 11.17
CA TYR A 154 14.95 -26.36 9.98
C TYR A 154 15.72 -26.68 8.71
N VAL A 155 15.19 -27.63 7.97
CA VAL A 155 15.77 -28.00 6.70
CA VAL A 155 15.78 -28.06 6.71
C VAL A 155 14.68 -28.08 5.65
N GLN A 156 15.07 -27.72 4.44
CA GLN A 156 14.17 -27.78 3.30
C GLN A 156 14.05 -29.22 2.85
N SER A 157 12.84 -29.66 2.53
CA SER A 157 12.62 -31.01 2.02
C SER A 157 12.65 -31.02 0.49
N ALA A 158 13.02 -32.16 -0.08
CA ALA A 158 12.90 -32.38 -1.52
C ALA A 158 11.43 -32.13 -1.92
N PRO A 159 11.17 -31.45 -3.04
CA PRO A 159 9.79 -31.19 -3.42
C PRO A 159 8.95 -32.47 -3.53
N GLU A 160 9.59 -33.57 -3.92
CA GLU A 160 8.92 -34.86 -4.03
C GLU A 160 8.33 -35.30 -2.72
N LYS A 161 9.04 -35.03 -1.62
CA LYS A 161 8.56 -35.38 -0.30
C LYS A 161 7.43 -34.45 0.12
N VAL A 162 7.47 -33.17 -0.25
CA VAL A 162 6.36 -32.28 0.08
C VAL A 162 5.13 -32.73 -0.74
N TYR A 163 5.32 -33.11 -2.01
CA TYR A 163 4.22 -33.61 -2.82
C TYR A 163 3.60 -34.87 -2.20
N GLU A 164 4.43 -35.78 -1.74
CA GLU A 164 3.91 -36.97 -1.10
C GLU A 164 3.08 -36.65 0.14
N TYR A 165 3.50 -35.65 0.90
CA TYR A 165 2.78 -35.20 2.09
C TYR A 165 1.42 -34.59 1.69
N ILE A 166 1.42 -33.74 0.67
CA ILE A 166 0.16 -33.16 0.16
C ILE A 166 -0.79 -34.30 -0.32
N GLU A 167 -0.22 -35.27 -1.01
CA GLU A 167 -0.96 -36.39 -1.58
C GLU A 167 -1.63 -37.19 -0.50
N ASP A 168 -0.90 -37.48 0.58
CA ASP A 168 -1.49 -38.24 1.68
CA ASP A 168 -1.52 -38.26 1.66
C ASP A 168 -2.67 -37.45 2.28
N ASP A 169 -2.45 -36.16 2.46
CA ASP A 169 -3.52 -35.30 3.00
C ASP A 169 -4.79 -35.31 2.10
N LEU A 170 -4.59 -35.10 0.79
CA LEU A 170 -5.74 -35.04 -0.11
C LEU A 170 -6.39 -36.41 -0.29
N LEU A 171 -5.58 -37.48 -0.32
CA LEU A 171 -6.14 -38.83 -0.44
C LEU A 171 -7.07 -39.14 0.74
N TYR A 172 -6.67 -38.77 1.96
CA TYR A 172 -7.56 -38.94 3.09
C TYR A 172 -8.87 -38.14 2.90
N ALA A 173 -8.78 -36.89 2.44
CA ALA A 173 -9.99 -36.05 2.24
C ALA A 173 -10.88 -36.65 1.14
N CYS A 174 -10.27 -37.21 0.08
CA CYS A 174 -11.03 -37.90 -0.96
C CYS A 174 -11.79 -39.09 -0.37
N ASP A 175 -11.15 -39.83 0.53
CA ASP A 175 -11.75 -41.03 1.11
C ASP A 175 -12.88 -40.68 2.07
N ILE A 176 -12.66 -39.69 2.91
CA ILE A 176 -13.60 -39.40 3.99
C ILE A 176 -14.77 -38.45 3.67
N LEU A 177 -14.52 -37.42 2.87
CA LEU A 177 -15.53 -36.39 2.62
C LEU A 177 -16.66 -36.88 1.73
N PRO A 178 -17.89 -36.47 2.04
CA PRO A 178 -18.97 -36.78 1.09
C PRO A 178 -18.87 -35.77 -0.05
N TYR A 179 -19.52 -36.06 -1.17
CA TYR A 179 -19.70 -35.05 -2.21
C TYR A 179 -20.63 -34.00 -1.61
N ALA A 180 -20.43 -32.75 -2.02
CA ALA A 180 -21.19 -31.61 -1.51
C ALA A 180 -22.71 -31.83 -1.51
N THR A 181 -23.25 -32.37 -2.59
CA THR A 181 -24.69 -32.58 -2.71
C THR A 181 -25.22 -33.87 -2.05
N ASP A 182 -24.33 -34.73 -1.57
CA ASP A 182 -24.70 -35.98 -0.93
C ASP A 182 -24.69 -35.86 0.60
N ASP A 183 -24.10 -34.78 1.09
CA ASP A 183 -23.84 -34.57 2.51
C ASP A 183 -25.06 -34.34 3.39
N GLN A 184 -25.40 -35.34 4.18
CA GLN A 184 -26.46 -35.16 5.16
C GLN A 184 -25.88 -35.20 6.59
N TYR A 185 -24.58 -34.94 6.73
CA TYR A 185 -23.92 -34.87 8.06
C TYR A 185 -23.72 -33.41 8.54
N ARG A 186 -23.16 -32.59 7.68
CA ARG A 186 -22.91 -31.19 7.99
C ARG A 186 -24.15 -30.31 7.72
N GLU A 187 -24.48 -29.38 8.59
CA GLU A 187 -25.68 -28.56 8.31
C GLU A 187 -25.50 -27.72 7.06
N SER A 188 -24.26 -27.31 6.80
CA SER A 188 -23.93 -26.53 5.63
C SER A 188 -22.50 -26.83 5.22
N ASN A 189 -22.25 -27.00 3.94
CA ASN A 189 -20.88 -27.16 3.49
C ASN A 189 -20.46 -26.07 2.49
N ASP A 190 -21.25 -24.97 2.46
CA ASP A 190 -20.96 -23.83 1.59
C ASP A 190 -19.52 -23.37 1.83
N TYR A 191 -18.73 -23.32 0.76
CA TYR A 191 -17.35 -22.82 0.75
C TYR A 191 -16.41 -23.64 1.63
N ARG A 192 -16.81 -24.87 1.94
CA ARG A 192 -16.00 -25.79 2.67
C ARG A 192 -15.66 -26.99 1.76
N PHE A 193 -14.56 -27.63 2.07
CA PHE A 193 -14.15 -28.80 1.33
C PHE A 193 -15.17 -29.96 1.40
N SER A 194 -15.41 -30.53 0.24
CA SER A 194 -16.18 -31.73 0.04
C SER A 194 -15.38 -32.59 -0.93
N LYS A 195 -15.85 -33.80 -1.21
CA LYS A 195 -15.07 -34.76 -2.00
C LYS A 195 -14.68 -34.26 -3.37
N GLY A 196 -15.57 -33.55 -4.03
CA GLY A 196 -15.28 -33.02 -5.38
C GLY A 196 -14.08 -32.11 -5.40
N ALA A 197 -14.00 -31.22 -4.41
CA ALA A 197 -12.86 -30.33 -4.28
C ALA A 197 -11.59 -31.06 -3.96
N ALA A 198 -11.67 -32.06 -3.10
CA ALA A 198 -10.49 -32.87 -2.78
C ALA A 198 -9.98 -33.58 -4.01
N LEU A 199 -10.87 -34.19 -4.79
CA LEU A 199 -10.45 -34.91 -5.99
C LEU A 199 -9.94 -33.92 -7.04
N GLY A 200 -10.64 -32.79 -7.18
CA GLY A 200 -10.19 -31.77 -8.15
C GLY A 200 -8.82 -31.22 -7.84
N LEU A 201 -8.60 -30.87 -6.57
CA LEU A 201 -7.32 -30.33 -6.18
C LEU A 201 -6.22 -31.37 -6.34
N LEU A 202 -6.49 -32.62 -5.96
CA LEU A 202 -5.50 -33.69 -6.10
C LEU A 202 -5.12 -33.87 -7.58
N THR A 203 -6.09 -33.73 -8.47
CA THR A 203 -5.80 -33.80 -9.92
C THR A 203 -4.79 -32.71 -10.28
N LYS A 204 -5.03 -31.49 -9.82
CA LYS A 204 -4.11 -30.37 -10.13
C LYS A 204 -2.71 -30.57 -9.53
N VAL A 205 -2.68 -31.10 -8.32
CA VAL A 205 -1.41 -31.45 -7.66
C VAL A 205 -0.66 -32.46 -8.44
N TYR A 206 -1.31 -33.55 -8.85
CA TYR A 206 -0.62 -34.53 -9.66
C TYR A 206 -0.15 -33.97 -11.00
N ALA A 207 -0.98 -33.18 -11.67
CA ALA A 207 -0.58 -32.59 -12.95
C ALA A 207 0.68 -31.72 -12.79
N THR A 208 0.74 -30.96 -11.71
CA THR A 208 1.86 -30.03 -11.47
C THR A 208 3.13 -30.85 -11.14
N TRP A 209 2.97 -31.89 -10.30
CA TRP A 209 4.04 -32.80 -9.93
C TRP A 209 4.65 -33.45 -11.16
N ALA A 210 3.82 -33.72 -12.18
CA ALA A 210 4.27 -34.27 -13.45
C ALA A 210 5.03 -33.26 -14.32
N GLY A 211 4.77 -31.99 -14.09
CA GLY A 211 5.42 -30.93 -14.85
C GLY A 211 6.66 -30.41 -14.16
N TYR A 212 7.10 -29.27 -14.63
CA TYR A 212 8.29 -28.64 -14.08
C TYR A 212 7.98 -28.04 -12.74
N PRO A 213 8.93 -28.07 -11.80
CA PRO A 213 10.29 -28.61 -11.91
C PRO A 213 10.53 -30.08 -11.55
N VAL A 214 9.58 -30.75 -10.90
CA VAL A 214 9.82 -32.13 -10.44
C VAL A 214 9.85 -33.14 -11.58
N LYS A 215 8.90 -32.96 -12.49
CA LYS A 215 8.83 -33.78 -13.71
C LYS A 215 8.74 -35.27 -13.45
N ASP A 216 7.87 -35.65 -12.54
CA ASP A 216 7.62 -37.04 -12.29
C ASP A 216 6.51 -37.41 -13.29
N GLU A 217 6.91 -37.88 -14.44
CA GLU A 217 5.93 -38.14 -15.52
C GLU A 217 4.89 -39.23 -15.23
N SER A 218 5.14 -40.06 -14.20
CA SER A 218 4.17 -41.07 -13.77
C SER A 218 2.91 -40.44 -13.19
N LYS A 219 3.00 -39.18 -12.79
CA LYS A 219 1.85 -38.51 -12.18
C LYS A 219 0.77 -38.07 -13.15
N TRP A 220 1.05 -38.07 -14.46
CA TRP A 220 0.00 -37.75 -15.42
C TRP A 220 -1.12 -38.78 -15.33
N GLU A 221 -0.72 -40.04 -15.28
CA GLU A 221 -1.69 -41.10 -15.10
C GLU A 221 -2.46 -40.92 -13.79
N ALA A 222 -1.79 -40.51 -12.72
CA ALA A 222 -2.47 -40.31 -11.43
C ALA A 222 -3.47 -39.17 -11.55
N ALA A 223 -3.08 -38.08 -12.21
CA ALA A 223 -3.99 -36.94 -12.41
C ALA A 223 -5.23 -37.40 -13.19
N ALA A 224 -5.00 -38.13 -14.27
CA ALA A 224 -6.10 -38.60 -15.10
C ALA A 224 -7.03 -39.55 -14.34
N LYS A 225 -6.46 -40.51 -13.59
CA LYS A 225 -7.27 -41.45 -12.82
C LYS A 225 -8.11 -40.77 -11.73
N THR A 226 -7.51 -39.79 -11.07
CA THR A 226 -8.19 -39.01 -10.05
C THR A 226 -9.35 -38.22 -10.68
N ALA A 227 -9.05 -37.48 -11.74
CA ALA A 227 -10.12 -36.71 -12.42
C ALA A 227 -11.24 -37.62 -12.91
N ARG A 228 -10.90 -38.79 -13.44
CA ARG A 228 -11.91 -39.75 -13.91
CA ARG A 228 -11.93 -39.72 -13.91
C ARG A 228 -12.96 -40.06 -12.81
N ILE A 229 -12.50 -40.26 -11.58
CA ILE A 229 -13.41 -40.59 -10.47
C ILE A 229 -14.40 -39.45 -10.33
N LEU A 230 -13.86 -38.23 -10.35
CA LEU A 230 -14.72 -37.04 -10.20
C LEU A 230 -15.70 -36.86 -11.37
N VAL A 231 -15.17 -36.99 -12.58
CA VAL A 231 -15.98 -36.82 -13.80
C VAL A 231 -17.06 -37.88 -13.89
N GLU A 232 -16.70 -39.13 -13.63
CA GLU A 232 -17.67 -40.23 -13.68
C GLU A 232 -18.67 -40.30 -12.53
N SER A 233 -18.45 -39.50 -11.48
CA SER A 233 -19.34 -39.54 -10.34
C SER A 233 -20.70 -38.97 -10.68
N GLY A 234 -20.75 -38.06 -11.65
CA GLY A 234 -21.97 -37.39 -11.98
C GLY A 234 -22.39 -36.39 -10.90
N LYS A 235 -21.52 -36.10 -9.94
CA LYS A 235 -21.89 -35.23 -8.84
C LYS A 235 -21.63 -33.78 -9.11
N HIS A 236 -20.86 -33.43 -10.15
CA HIS A 236 -20.55 -32.05 -10.42
C HIS A 236 -20.75 -31.76 -11.92
N GLY A 237 -20.76 -30.49 -12.27
CA GLY A 237 -20.97 -30.11 -13.67
C GLY A 237 -20.61 -28.67 -13.92
N LEU A 238 -20.92 -28.23 -15.15
CA LEU A 238 -20.75 -26.86 -15.56
C LEU A 238 -22.07 -26.12 -15.47
N LEU A 239 -22.01 -24.90 -14.96
CA LEU A 239 -23.18 -24.07 -14.96
C LEU A 239 -23.55 -23.86 -16.42
N LYS A 240 -24.85 -23.83 -16.66
CA LYS A 240 -25.34 -23.66 -18.04
C LYS A 240 -24.78 -22.38 -18.68
N ASP A 241 -24.88 -21.28 -17.92
CA ASP A 241 -24.47 -19.97 -18.38
C ASP A 241 -23.15 -19.51 -17.75
N TYR A 242 -22.16 -19.27 -18.59
CA TYR A 242 -20.84 -18.81 -18.09
C TYR A 242 -20.97 -17.58 -17.22
N GLU A 243 -21.86 -16.67 -17.61
CA GLU A 243 -22.08 -15.43 -16.87
C GLU A 243 -22.53 -15.70 -15.43
N GLN A 244 -23.28 -16.78 -15.22
CA GLN A 244 -23.76 -17.12 -13.90
C GLN A 244 -22.64 -17.32 -12.90
N LEU A 245 -21.50 -17.85 -13.34
CA LEU A 245 -20.39 -17.95 -12.43
C LEU A 245 -20.01 -16.60 -11.79
N TRP A 246 -20.09 -15.53 -12.57
CA TRP A 246 -19.63 -14.21 -12.14
C TRP A 246 -20.73 -13.55 -11.32
N LYS A 247 -21.97 -13.72 -11.75
CA LYS A 247 -23.11 -13.29 -10.94
C LYS A 247 -23.00 -13.93 -9.56
N ASN A 248 -22.77 -15.23 -9.52
CA ASN A 248 -22.73 -15.94 -8.25
C ASN A 248 -21.60 -15.48 -7.33
N THR A 249 -20.39 -15.46 -7.86
CA THR A 249 -19.22 -15.14 -7.04
C THR A 249 -19.23 -13.68 -6.53
N CYS A 250 -19.86 -12.77 -7.28
CA CYS A 250 -19.96 -11.37 -6.89
C CYS A 250 -21.12 -11.13 -5.93
N ASN A 251 -22.00 -12.11 -5.76
CA ASN A 251 -23.12 -11.96 -4.85
C ASN A 251 -23.21 -12.94 -3.70
N GLY A 252 -22.09 -13.59 -3.38
CA GLY A 252 -22.05 -14.51 -2.25
C GLY A 252 -22.99 -15.68 -2.39
N THR A 253 -23.17 -16.13 -3.62
CA THR A 253 -24.08 -17.25 -3.92
C THR A 253 -23.27 -18.51 -4.11
N TRP A 254 -23.43 -19.43 -3.16
CA TRP A 254 -22.77 -20.71 -3.24
C TRP A 254 -23.63 -21.67 -4.05
N ASP A 255 -23.02 -22.28 -5.07
CA ASP A 255 -23.64 -23.31 -5.85
C ASP A 255 -22.54 -24.40 -6.00
N PRO A 256 -22.75 -25.56 -5.39
CA PRO A 256 -21.68 -26.57 -5.44
C PRO A 256 -21.52 -27.28 -6.79
N THR A 257 -22.37 -27.01 -7.76
CA THR A 257 -22.29 -27.66 -9.05
C THR A 257 -20.90 -27.60 -9.69
N GLU A 258 -20.44 -26.39 -9.93
CA GLU A 258 -19.13 -26.13 -10.55
C GLU A 258 -18.08 -25.61 -9.59
N SER A 259 -18.48 -24.79 -8.64
CA SER A 259 -17.55 -24.22 -7.70
C SER A 259 -17.06 -25.28 -6.72
N LEU A 260 -15.79 -25.63 -6.80
CA LEU A 260 -15.21 -26.64 -5.91
C LEU A 260 -14.48 -25.99 -4.71
N ILE A 261 -13.55 -25.06 -4.97
CA ILE A 261 -12.82 -24.35 -3.96
C ILE A 261 -13.03 -22.86 -4.23
N GLU A 262 -13.79 -22.21 -3.38
CA GLU A 262 -14.10 -20.82 -3.55
C GLU A 262 -13.94 -20.18 -2.18
N ILE A 263 -13.23 -19.05 -2.13
CA ILE A 263 -13.00 -18.32 -0.90
CA ILE A 263 -13.01 -18.34 -0.88
C ILE A 263 -14.10 -17.30 -0.73
N SER A 264 -14.81 -17.36 0.38
CA SER A 264 -15.88 -16.41 0.65
C SER A 264 -15.38 -15.22 1.44
N PHE A 265 -15.64 -14.04 0.91
CA PHE A 265 -15.38 -12.79 1.60
C PHE A 265 -16.71 -12.13 1.90
N TYR A 266 -16.92 -11.76 3.16
CA TYR A 266 -18.12 -11.04 3.49
C TYR A 266 -18.01 -10.37 4.83
N SER A 267 -18.31 -9.08 4.83
CA SER A 267 -18.47 -8.33 6.06
C SER A 267 -19.47 -7.20 5.76
N PRO A 268 -20.35 -6.88 6.72
CA PRO A 268 -21.22 -5.71 6.48
C PRO A 268 -20.46 -4.38 6.61
N THR A 269 -19.30 -4.42 7.27
CA THR A 269 -18.48 -3.24 7.47
C THR A 269 -17.01 -3.55 7.24
N VAL A 270 -16.23 -2.47 7.09
CA VAL A 270 -14.77 -2.58 6.91
C VAL A 270 -14.05 -1.69 7.92
N SER A 271 -14.56 -1.59 9.14
CA SER A 271 -13.97 -0.70 10.15
C SER A 271 -13.18 -1.43 11.25
N GLY A 272 -12.90 -2.71 11.02
CA GLY A 272 -12.22 -3.55 12.00
C GLY A 272 -10.81 -3.86 11.54
N ASN A 273 -10.08 -4.62 12.33
CA ASN A 273 -8.71 -4.90 11.95
C ASN A 273 -8.58 -6.23 11.28
N SER A 274 -9.61 -7.07 11.34
CA SER A 274 -9.57 -8.37 10.72
C SER A 274 -10.89 -8.69 10.00
N ASP A 275 -11.48 -7.72 9.31
CA ASP A 275 -12.71 -7.97 8.56
C ASP A 275 -12.38 -8.93 7.39
N PRO A 276 -13.17 -9.99 7.19
CA PRO A 276 -12.91 -10.90 6.09
C PRO A 276 -13.43 -10.39 4.75
N VAL A 277 -12.79 -9.33 4.28
CA VAL A 277 -13.08 -8.72 2.98
C VAL A 277 -11.80 -8.84 2.16
N GLY A 278 -11.93 -8.81 0.85
CA GLY A 278 -10.78 -8.90 -0.01
C GLY A 278 -10.77 -7.78 -1.03
N ARG A 279 -9.84 -7.91 -1.97
CA ARG A 279 -9.65 -6.92 -3.02
C ARG A 279 -10.21 -7.36 -4.38
N ILE A 280 -11.01 -8.41 -4.38
CA ILE A 280 -11.51 -8.99 -5.64
C ILE A 280 -12.57 -8.04 -6.21
N GLY A 281 -12.48 -7.75 -7.50
CA GLY A 281 -13.34 -6.73 -8.12
C GLY A 281 -12.86 -5.30 -7.83
N LYS A 282 -11.79 -5.14 -7.04
CA LYS A 282 -11.26 -3.83 -6.72
C LYS A 282 -9.94 -3.68 -7.45
N TRP A 283 -8.90 -4.35 -6.98
CA TRP A 283 -7.59 -4.25 -7.59
C TRP A 283 -7.59 -4.90 -8.98
N ASN A 284 -8.42 -5.92 -9.16
CA ASN A 284 -8.54 -6.59 -10.46
C ASN A 284 -9.93 -6.38 -11.04
N GLY A 285 -10.56 -5.29 -10.67
CA GLY A 285 -11.89 -5.00 -11.16
C GLY A 285 -11.91 -4.28 -12.49
N VAL A 286 -13.08 -3.74 -12.80
CA VAL A 286 -13.26 -2.85 -13.93
C VAL A 286 -12.97 -1.47 -13.37
N LYS A 287 -12.23 -0.65 -14.10
CA LYS A 287 -11.92 0.70 -13.64
C LYS A 287 -13.22 1.46 -13.40
N THR A 288 -13.36 1.98 -12.17
CA THR A 288 -14.60 2.63 -11.71
C THR A 288 -14.32 3.78 -10.75
N THR A 289 -14.97 4.92 -10.97
CA THR A 289 -14.79 6.05 -10.08
C THR A 289 -15.65 5.94 -8.83
N ALA A 290 -15.16 6.55 -7.76
CA ALA A 290 -15.91 6.66 -6.53
C ALA A 290 -16.95 7.75 -6.78
N ILE A 291 -18.16 7.53 -6.27
CA ILE A 291 -19.27 8.46 -6.28
C ILE A 291 -19.70 8.62 -4.80
N ALA A 292 -19.50 9.81 -4.24
CA ALA A 292 -19.75 10.06 -2.83
C ALA A 292 -21.15 9.58 -2.40
N GLY A 293 -21.19 8.74 -1.37
CA GLY A 293 -22.43 8.16 -0.88
C GLY A 293 -23.04 7.05 -1.72
N VAL A 294 -22.45 6.73 -2.88
CA VAL A 294 -23.03 5.71 -3.76
C VAL A 294 -22.12 4.53 -4.06
N ARG A 295 -20.86 4.83 -4.35
CA ARG A 295 -19.98 3.80 -4.87
C ARG A 295 -18.55 4.07 -4.49
N GLY A 296 -17.83 3.00 -4.19
CA GLY A 296 -16.42 3.14 -3.94
C GLY A 296 -15.73 2.99 -5.30
N SER A 297 -14.51 3.52 -5.42
CA SER A 297 -13.76 3.34 -6.66
C SER A 297 -13.16 1.93 -6.75
N CYS A 298 -12.74 1.53 -7.96
CA CYS A 298 -12.00 0.26 -8.18
C CYS A 298 -10.75 0.64 -8.94
N ALA A 299 -9.58 0.31 -8.37
CA ALA A 299 -8.29 0.72 -8.95
C ALA A 299 -8.03 0.04 -10.28
N ALA A 300 -8.42 -1.24 -10.38
CA ALA A 300 -8.36 -1.97 -11.65
C ALA A 300 -6.97 -1.95 -12.28
N ASN A 301 -6.02 -2.41 -11.51
CA ASN A 301 -4.62 -2.44 -11.91
C ASN A 301 -4.20 -3.67 -12.70
N VAL A 302 -5.09 -4.65 -12.87
CA VAL A 302 -4.79 -5.82 -13.66
C VAL A 302 -5.25 -5.48 -15.09
N LYS A 303 -4.27 -5.44 -16.00
CA LYS A 303 -4.54 -5.07 -17.36
C LYS A 303 -4.36 -6.28 -18.26
N VAL A 304 -5.15 -6.32 -19.33
CA VAL A 304 -5.14 -7.45 -20.24
C VAL A 304 -4.14 -7.24 -21.38
N VAL A 305 -3.32 -8.26 -21.64
CA VAL A 305 -2.35 -8.16 -22.73
C VAL A 305 -3.11 -8.12 -24.04
N HIS A 306 -2.89 -7.10 -24.87
CA HIS A 306 -3.77 -6.94 -26.04
C HIS A 306 -3.68 -8.05 -27.09
N THR A 307 -2.50 -8.66 -27.24
CA THR A 307 -2.37 -9.77 -28.17
C THR A 307 -3.28 -10.96 -27.80
N PHE A 308 -3.56 -11.15 -26.50
CA PHE A 308 -4.52 -12.15 -26.06
C PHE A 308 -5.91 -11.79 -26.59
N VAL A 309 -6.27 -10.51 -26.42
CA VAL A 309 -7.52 -10.00 -26.96
C VAL A 309 -7.61 -10.27 -28.47
N LEU A 310 -6.55 -9.94 -29.20
CA LEU A 310 -6.59 -10.15 -30.66
C LEU A 310 -6.80 -11.63 -31.02
N ASP A 311 -6.08 -12.54 -30.35
CA ASP A 311 -6.24 -13.98 -30.61
C ASP A 311 -7.68 -14.39 -30.35
N TRP A 312 -8.19 -13.96 -29.22
CA TRP A 312 -9.53 -14.39 -28.81
C TRP A 312 -10.62 -13.82 -29.70
N ARG A 313 -10.42 -12.61 -30.22
CA ARG A 313 -11.41 -12.00 -31.10
C ARG A 313 -11.66 -12.78 -32.42
N GLU A 314 -10.69 -13.59 -32.83
CA GLU A 314 -10.89 -14.43 -34.00
C GLU A 314 -12.00 -15.48 -33.80
N ASP A 315 -12.20 -15.99 -32.59
CA ASP A 315 -13.25 -16.99 -32.26
C ASP A 315 -14.52 -16.26 -31.87
N VAL A 316 -15.18 -15.71 -32.89
CA VAL A 316 -16.26 -14.79 -32.66
C VAL A 316 -17.38 -15.26 -31.73
N SER A 317 -17.81 -16.50 -31.91
CA SER A 317 -18.94 -17.02 -31.18
C SER A 317 -18.64 -17.45 -29.76
N ASP A 318 -17.39 -17.37 -29.33
CA ASP A 318 -17.04 -17.71 -27.95
C ASP A 318 -17.55 -16.59 -27.04
N ILE A 319 -18.57 -16.91 -26.25
CA ILE A 319 -19.22 -15.91 -25.40
C ILE A 319 -18.39 -15.54 -24.17
N ARG A 320 -17.36 -16.31 -23.89
CA ARG A 320 -16.57 -16.05 -22.71
C ARG A 320 -15.73 -14.82 -22.87
N ARG A 321 -15.39 -14.47 -24.11
CA ARG A 321 -14.49 -13.34 -24.38
C ARG A 321 -15.01 -12.03 -23.78
N ASP A 322 -16.21 -11.63 -24.16
CA ASP A 322 -16.82 -10.42 -23.61
C ASP A 322 -17.18 -10.52 -22.12
N LEU A 323 -17.39 -11.73 -21.61
CA LEU A 323 -17.67 -11.94 -20.20
C LEU A 323 -16.41 -11.89 -19.37
N SER A 324 -15.25 -12.08 -20.00
CA SER A 324 -13.97 -12.12 -19.34
C SER A 324 -13.13 -10.85 -19.36
N ILE A 325 -13.29 -10.06 -20.43
CA ILE A 325 -12.47 -8.87 -20.70
C ILE A 325 -13.33 -7.63 -20.89
N ALA A 326 -12.99 -6.57 -20.15
CA ALA A 326 -13.69 -5.31 -20.19
C ALA A 326 -12.93 -4.30 -21.02
N ASN A 327 -13.54 -3.85 -22.10
CA ASN A 327 -12.96 -2.80 -22.93
C ASN A 327 -13.52 -1.44 -22.52
N TYR A 328 -14.05 -1.37 -21.31
CA TYR A 328 -14.78 -0.21 -20.82
C TYR A 328 -14.42 0.05 -19.39
N GLN A 329 -14.83 1.22 -18.91
CA GLN A 329 -14.67 1.61 -17.52
C GLN A 329 -15.96 2.36 -17.16
N TYR A 330 -16.13 2.65 -15.88
CA TYR A 330 -17.29 3.39 -15.43
C TYR A 330 -16.80 4.75 -14.92
N THR A 331 -17.33 5.81 -15.50
CA THR A 331 -17.04 7.18 -15.11
C THR A 331 -18.17 7.58 -14.11
N ASP A 332 -18.15 8.80 -13.61
CA ASP A 332 -19.22 9.21 -12.71
C ASP A 332 -20.62 9.06 -13.35
N THR A 333 -20.73 9.25 -14.67
CA THR A 333 -22.03 9.20 -15.33
C THR A 333 -22.33 8.02 -16.26
N LYS A 334 -21.31 7.30 -16.74
CA LYS A 334 -21.57 6.25 -17.73
C LYS A 334 -20.49 5.18 -17.87
N LYS A 335 -20.88 4.10 -18.54
CA LYS A 335 -19.99 3.04 -18.99
C LYS A 335 -19.42 3.60 -20.27
N SER A 336 -18.11 3.65 -20.34
CA SER A 336 -17.43 4.27 -21.45
C SER A 336 -16.31 3.39 -21.96
N LEU A 337 -16.10 3.35 -23.27
CA LEU A 337 -15.02 2.52 -23.81
C LEU A 337 -13.67 3.14 -23.47
N TRP A 338 -12.70 2.31 -23.16
CA TRP A 338 -11.34 2.77 -22.89
C TRP A 338 -10.76 3.60 -24.02
N VAL A 339 -11.09 3.27 -25.27
CA VAL A 339 -10.54 3.99 -26.39
C VAL A 339 -11.19 5.34 -26.67
N ALA A 340 -12.30 5.66 -26.00
CA ALA A 340 -13.02 6.91 -26.27
C ALA A 340 -12.20 8.09 -25.80
N GLY A 341 -11.80 8.93 -26.74
CA GLY A 341 -11.07 10.14 -26.48
C GLY A 341 -12.07 11.27 -26.30
N ALA A 342 -11.53 12.44 -25.98
CA ALA A 342 -12.34 13.61 -25.73
C ALA A 342 -13.26 13.93 -26.92
N SER A 343 -12.76 13.77 -28.14
CA SER A 343 -13.56 14.11 -29.34
C SER A 343 -14.46 12.97 -29.84
N ASP A 344 -14.30 11.78 -29.30
CA ASP A 344 -15.07 10.65 -29.80
C ASP A 344 -16.58 10.64 -29.48
N THR A 345 -17.34 10.17 -30.46
CA THR A 345 -18.76 9.87 -30.31
C THR A 345 -18.79 8.39 -29.99
N ASP A 346 -19.97 7.87 -29.67
CA ASP A 346 -20.10 6.44 -29.42
C ASP A 346 -19.70 5.60 -30.63
N GLU A 347 -20.11 6.05 -31.81
CA GLU A 347 -19.81 5.37 -33.08
C GLU A 347 -18.29 5.41 -33.40
N SER A 348 -17.64 6.55 -33.22
CA SER A 348 -16.20 6.64 -33.51
C SER A 348 -15.40 5.78 -32.54
N ALA A 349 -15.79 5.78 -31.26
CA ALA A 349 -15.10 4.98 -30.27
C ALA A 349 -15.28 3.50 -30.59
N ALA A 350 -16.51 3.11 -30.93
CA ALA A 350 -16.75 1.71 -31.32
C ALA A 350 -15.85 1.27 -32.51
N GLU A 351 -15.71 2.13 -33.52
CA GLU A 351 -14.88 1.86 -34.70
C GLU A 351 -13.40 1.72 -34.32
N LYS A 352 -12.93 2.62 -33.47
CA LYS A 352 -11.56 2.51 -32.99
C LYS A 352 -11.38 1.22 -32.20
N ASP A 353 -12.36 0.86 -31.38
CA ASP A 353 -12.15 -0.31 -30.54
C ASP A 353 -11.99 -1.59 -31.37
N ALA A 354 -12.72 -1.70 -32.48
CA ALA A 354 -12.68 -2.89 -33.30
C ALA A 354 -11.44 -3.06 -34.18
N ASP A 355 -10.81 -1.97 -34.55
CA ASP A 355 -9.67 -1.96 -35.47
C ASP A 355 -8.37 -2.09 -34.70
N PRO A 356 -7.60 -3.18 -34.94
CA PRO A 356 -6.39 -3.38 -34.16
C PRO A 356 -5.32 -2.31 -34.29
N THR A 357 -5.37 -1.51 -35.34
CA THR A 357 -4.37 -0.51 -35.57
C THR A 357 -4.73 0.81 -34.87
N LYS A 358 -5.94 0.92 -34.34
CA LYS A 358 -6.42 2.15 -33.71
C LYS A 358 -6.43 2.13 -32.17
N ALA A 359 -6.22 3.31 -31.61
CA ALA A 359 -6.32 3.56 -30.16
C ALA A 359 -5.56 2.54 -29.36
N GLN A 360 -4.38 2.17 -29.84
CA GLN A 360 -3.61 1.13 -29.22
C GLN A 360 -3.16 1.47 -27.80
N LYS A 361 -2.81 2.72 -27.56
CA LYS A 361 -2.36 3.09 -26.24
C LYS A 361 -3.40 2.77 -25.17
N ASN A 362 -4.63 3.20 -25.38
CA ASN A 362 -5.72 3.02 -24.41
C ASN A 362 -6.19 1.58 -24.32
N LYS A 363 -6.03 0.82 -25.40
CA LYS A 363 -6.37 -0.59 -25.37
C LYS A 363 -5.57 -1.36 -24.31
N GLN A 364 -4.39 -0.83 -23.96
CA GLN A 364 -3.58 -1.47 -22.95
C GLN A 364 -4.20 -1.41 -21.55
N ASN A 365 -5.25 -0.59 -21.40
CA ASN A 365 -5.92 -0.41 -20.12
C ASN A 365 -7.12 -1.32 -19.91
N TYR A 366 -7.49 -2.16 -20.88
CA TYR A 366 -8.55 -3.15 -20.70
C TYR A 366 -8.25 -3.95 -19.42
N THR A 367 -9.32 -4.39 -18.76
CA THR A 367 -9.21 -5.13 -17.50
C THR A 367 -10.01 -6.43 -17.60
N PRO A 368 -9.89 -7.28 -16.57
CA PRO A 368 -10.86 -8.37 -16.55
C PRO A 368 -12.26 -7.77 -16.34
N ALA A 369 -13.30 -8.51 -16.77
CA ALA A 369 -14.68 -8.12 -16.55
C ALA A 369 -15.41 -9.11 -15.63
N LYS A 370 -14.72 -10.18 -15.23
CA LYS A 370 -15.32 -11.23 -14.38
C LYS A 370 -15.80 -10.70 -13.03
N TRP A 371 -15.10 -9.69 -12.51
CA TRP A 371 -15.42 -9.12 -11.20
C TRP A 371 -15.88 -7.67 -11.31
N ASP A 372 -16.71 -7.41 -12.31
CA ASP A 372 -17.35 -6.13 -12.51
C ASP A 372 -18.47 -5.91 -11.45
N ILE A 373 -18.10 -5.23 -10.38
CA ILE A 373 -19.02 -4.97 -9.28
C ILE A 373 -20.27 -4.17 -9.73
N GLN A 374 -20.08 -3.11 -10.52
CA GLN A 374 -21.18 -2.29 -10.99
C GLN A 374 -22.17 -3.14 -11.78
N LYS A 375 -21.66 -4.03 -12.62
CA LYS A 375 -22.48 -4.93 -13.39
C LYS A 375 -23.19 -6.00 -12.56
N TYR A 376 -22.49 -6.65 -11.64
CA TYR A 376 -23.03 -7.82 -10.95
C TYR A 376 -23.66 -7.68 -9.56
N VAL A 377 -23.16 -6.76 -8.73
CA VAL A 377 -23.60 -6.72 -7.34
C VAL A 377 -24.99 -6.14 -7.21
N THR A 378 -25.92 -6.93 -6.71
CA THR A 378 -27.33 -6.50 -6.63
C THR A 378 -27.68 -5.80 -5.32
N THR A 379 -26.78 -5.86 -4.34
CA THR A 379 -27.06 -5.30 -3.03
C THR A 379 -26.10 -4.23 -2.56
N ASN A 380 -26.61 -3.39 -1.67
CA ASN A 380 -25.83 -2.32 -1.06
C ASN A 380 -25.15 -2.81 0.20
N SER A 381 -23.89 -2.43 0.36
CA SER A 381 -23.14 -2.82 1.54
C SER A 381 -22.20 -1.66 1.86
N PHE A 382 -21.01 -1.94 2.33
CA PHE A 382 -20.12 -0.86 2.63
C PHE A 382 -19.59 -0.24 1.32
N ILE A 383 -19.18 1.02 1.42
CA ILE A 383 -18.56 1.74 0.33
C ILE A 383 -17.11 1.80 0.71
N ASN A 384 -16.25 1.26 -0.13
CA ASN A 384 -14.83 1.27 0.15
C ASN A 384 -14.09 1.29 -1.17
N ASN A 385 -12.95 1.96 -1.22
CA ASN A 385 -12.23 2.06 -2.49
C ASN A 385 -11.25 0.92 -2.76
N ASP A 386 -11.06 0.07 -1.76
CA ASP A 386 -10.06 -0.99 -1.82
C ASP A 386 -10.55 -2.40 -1.60
N LYS A 387 -11.63 -2.56 -0.84
CA LYS A 387 -12.08 -3.89 -0.44
C LYS A 387 -13.51 -4.15 -0.86
N SER A 388 -13.89 -5.43 -0.86
CA SER A 388 -15.22 -5.82 -1.29
C SER A 388 -15.63 -7.13 -0.64
N ASN A 389 -16.89 -7.51 -0.88
CA ASN A 389 -17.41 -8.83 -0.51
C ASN A 389 -17.40 -9.80 -1.71
N VAL A 390 -16.66 -9.51 -2.77
CA VAL A 390 -16.57 -10.40 -3.92
C VAL A 390 -15.73 -11.65 -3.60
N ASN A 391 -16.21 -12.81 -4.01
CA ASN A 391 -15.52 -14.07 -3.71
C ASN A 391 -14.44 -14.43 -4.71
N TRP A 392 -13.70 -15.48 -4.40
CA TRP A 392 -12.57 -15.93 -5.23
C TRP A 392 -12.60 -17.41 -5.59
N TYR A 393 -12.76 -17.70 -6.87
CA TYR A 393 -12.70 -19.08 -7.33
C TYR A 393 -11.24 -19.54 -7.42
N PHE A 394 -10.85 -20.46 -6.54
CA PHE A 394 -9.54 -21.09 -6.64
C PHE A 394 -9.59 -22.31 -7.59
N LEU A 395 -10.70 -23.07 -7.55
CA LEU A 395 -10.85 -24.26 -8.38
C LEU A 395 -12.31 -24.48 -8.79
N ARG A 396 -12.56 -24.50 -10.09
CA ARG A 396 -13.86 -24.75 -10.69
C ARG A 396 -13.82 -26.10 -11.42
N TYR A 397 -14.95 -26.75 -11.57
CA TYR A 397 -14.96 -28.02 -12.31
C TYR A 397 -14.46 -27.89 -13.73
N ALA A 398 -14.65 -26.74 -14.39
CA ALA A 398 -14.14 -26.60 -15.77
C ALA A 398 -12.60 -26.80 -15.83
N ASP A 399 -11.92 -26.29 -14.82
CA ASP A 399 -10.44 -26.42 -14.68
C ASP A 399 -10.12 -27.91 -14.61
N VAL A 400 -10.89 -28.64 -13.80
CA VAL A 400 -10.66 -30.06 -13.66
C VAL A 400 -10.94 -30.81 -14.96
N LEU A 401 -12.00 -30.44 -15.69
CA LEU A 401 -12.24 -31.09 -16.99
C LEU A 401 -11.04 -30.85 -17.91
N LEU A 402 -10.53 -29.62 -17.91
CA LEU A 402 -9.39 -29.33 -18.79
C LEU A 402 -8.14 -30.10 -18.34
N LEU A 403 -7.95 -30.24 -17.01
CA LEU A 403 -6.83 -31.02 -16.48
C LEU A 403 -6.94 -32.48 -16.88
N TYR A 404 -8.17 -33.00 -16.84
CA TYR A 404 -8.42 -34.37 -17.25
C TYR A 404 -8.00 -34.58 -18.70
N ALA A 405 -8.43 -33.68 -19.57
CA ALA A 405 -8.07 -33.76 -20.97
C ALA A 405 -6.56 -33.66 -21.13
N GLU A 406 -5.97 -32.70 -20.45
CA GLU A 406 -4.51 -32.49 -20.53
C GLU A 406 -3.75 -33.75 -20.10
N ALA A 407 -4.11 -34.27 -18.93
CA ALA A 407 -3.40 -35.43 -18.36
C ALA A 407 -3.58 -36.69 -19.16
N LEU A 408 -4.81 -36.94 -19.64
CA LEU A 408 -5.02 -38.08 -20.52
C LEU A 408 -4.10 -38.03 -21.73
N ASN A 409 -4.02 -36.85 -22.35
CA ASN A 409 -3.21 -36.69 -23.57
C ASN A 409 -1.75 -36.91 -23.25
N GLU A 410 -1.31 -36.43 -22.08
CA GLU A 410 0.08 -36.60 -21.70
C GLU A 410 0.40 -38.08 -21.42
N TRP A 411 -0.48 -38.72 -20.64
CA TRP A 411 -0.27 -40.14 -20.31
C TRP A 411 -0.35 -41.10 -21.50
N LYS A 412 -1.39 -40.93 -22.31
CA LYS A 412 -1.62 -41.79 -23.46
C LYS A 412 -0.90 -41.35 -24.72
N HIS A 413 -0.24 -40.20 -24.69
CA HIS A 413 0.45 -39.64 -25.85
C HIS A 413 -0.49 -39.44 -27.03
N GLY A 414 -1.58 -38.74 -26.78
CA GLY A 414 -2.59 -38.52 -27.81
C GLY A 414 -3.95 -38.46 -27.15
N PRO A 415 -4.88 -37.73 -27.75
CA PRO A 415 -6.19 -37.64 -27.13
C PRO A 415 -7.06 -38.85 -27.42
N ASP A 416 -7.87 -39.23 -26.44
CA ASP A 416 -8.88 -40.27 -26.62
C ASP A 416 -10.26 -39.62 -26.45
N ALA A 417 -11.30 -40.44 -26.52
CA ALA A 417 -12.67 -39.97 -26.43
C ALA A 417 -12.94 -39.21 -25.15
N GLU A 418 -12.42 -39.71 -24.04
CA GLU A 418 -12.66 -39.06 -22.76
C GLU A 418 -12.00 -37.68 -22.71
N ALA A 419 -10.81 -37.59 -23.29
CA ALA A 419 -10.11 -36.30 -23.37
C ALA A 419 -10.92 -35.31 -24.22
N TYR A 420 -11.34 -35.74 -25.39
CA TYR A 420 -12.17 -34.90 -26.24
C TYR A 420 -13.48 -34.49 -25.58
N ASN A 421 -14.15 -35.44 -24.92
CA ASN A 421 -15.41 -35.14 -24.27
C ASN A 421 -15.27 -34.09 -23.19
N ALA A 422 -14.16 -34.16 -22.45
CA ALA A 422 -13.92 -33.23 -21.33
C ALA A 422 -13.68 -31.83 -21.84
N ILE A 423 -12.78 -31.70 -22.81
CA ILE A 423 -12.50 -30.36 -23.41
C ILE A 423 -13.71 -29.81 -24.20
N ASN A 424 -14.41 -30.66 -24.92
CA ASN A 424 -15.61 -30.21 -25.69
C ASN A 424 -16.77 -29.80 -24.79
N ALA A 425 -16.86 -30.37 -23.57
CA ALA A 425 -17.91 -29.92 -22.64
C ALA A 425 -17.66 -28.47 -22.29
N VAL A 426 -16.39 -28.17 -22.03
CA VAL A 426 -15.98 -26.82 -21.70
C VAL A 426 -16.19 -25.85 -22.89
N ARG A 427 -15.81 -26.27 -24.09
CA ARG A 427 -16.00 -25.43 -25.29
C ARG A 427 -17.50 -25.18 -25.57
N ARG A 428 -18.32 -26.21 -25.43
CA ARG A 428 -19.74 -26.03 -25.69
C ARG A 428 -20.37 -25.02 -24.74
N ARG A 429 -20.06 -25.15 -23.46
CA ARG A 429 -20.61 -24.20 -22.51
C ARG A 429 -20.10 -22.79 -22.87
N GLY A 430 -18.82 -22.70 -23.23
CA GLY A 430 -18.16 -21.44 -23.58
C GLY A 430 -18.72 -20.77 -24.82
N TYR A 431 -19.39 -21.55 -25.68
CA TYR A 431 -20.07 -21.03 -26.86
C TYR A 431 -21.59 -20.89 -26.66
N GLY A 432 -22.04 -21.01 -25.42
CA GLY A 432 -23.45 -20.85 -25.09
C GLY A 432 -24.32 -22.05 -25.43
N ASN A 433 -23.72 -23.23 -25.40
CA ASN A 433 -24.45 -24.49 -25.61
C ASN A 433 -25.18 -24.49 -26.95
N PRO A 434 -24.42 -24.33 -28.06
CA PRO A 434 -25.00 -24.34 -29.40
C PRO A 434 -25.64 -25.66 -29.72
N SER A 435 -26.73 -25.61 -30.47
CA SER A 435 -27.44 -26.80 -30.91
C SER A 435 -26.52 -27.67 -31.76
N ASN A 436 -25.83 -27.04 -32.69
CA ASN A 436 -24.83 -27.69 -33.52
C ASN A 436 -23.46 -27.40 -32.93
N THR A 437 -22.78 -28.44 -32.48
CA THR A 437 -21.47 -28.29 -31.87
C THR A 437 -20.31 -28.46 -32.84
N SER A 438 -20.57 -28.61 -34.14
CA SER A 438 -19.47 -28.76 -35.08
C SER A 438 -18.64 -27.48 -35.16
N ALA A 439 -19.21 -26.33 -34.83
CA ALA A 439 -18.42 -25.08 -34.86
C ALA A 439 -17.58 -24.85 -33.62
N CYS A 440 -18.08 -25.21 -32.43
CA CYS A 440 -17.33 -24.98 -31.21
C CYS A 440 -16.40 -26.11 -30.82
N ASP A 441 -16.73 -27.36 -31.19
CA ASP A 441 -15.92 -28.50 -30.76
C ASP A 441 -14.51 -28.48 -31.31
N LEU A 442 -13.55 -28.95 -30.53
CA LEU A 442 -12.22 -29.20 -31.06
C LEU A 442 -12.41 -30.34 -32.02
N PRO A 443 -11.83 -30.22 -33.23
CA PRO A 443 -11.94 -31.24 -34.24
C PRO A 443 -11.18 -32.51 -33.89
N GLN A 444 -11.72 -33.64 -34.33
CA GLN A 444 -11.04 -34.92 -34.31
C GLN A 444 -9.83 -34.79 -35.22
N GLY A 445 -8.88 -35.70 -35.07
CA GLY A 445 -7.69 -35.68 -35.90
C GLY A 445 -6.47 -35.01 -35.29
N LEU A 446 -6.63 -34.43 -34.10
CA LEU A 446 -5.48 -33.79 -33.44
C LEU A 446 -4.57 -34.87 -32.87
N ASP A 447 -3.28 -34.58 -32.80
CA ASP A 447 -2.34 -35.53 -32.22
C ASP A 447 -1.85 -35.05 -30.88
N GLU A 448 -0.90 -35.75 -30.31
CA GLU A 448 -0.41 -35.34 -29.00
C GLU A 448 0.00 -33.87 -28.91
N THR A 449 0.74 -33.42 -29.89
CA THR A 449 1.23 -32.04 -29.88
C THR A 449 0.15 -31.00 -30.08
N SER A 450 -0.70 -31.22 -31.08
CA SER A 450 -1.72 -30.25 -31.38
C SER A 450 -2.83 -30.25 -30.33
N PHE A 451 -3.12 -31.40 -29.73
CA PHE A 451 -4.12 -31.43 -28.65
C PHE A 451 -3.58 -30.71 -27.43
N ARG A 452 -2.30 -30.92 -27.16
CA ARG A 452 -1.64 -30.23 -26.06
C ARG A 452 -1.74 -28.71 -26.22
N GLU A 453 -1.47 -28.23 -27.44
CA GLU A 453 -1.53 -26.80 -27.75
C GLU A 453 -2.95 -26.32 -27.56
N ALA A 454 -3.94 -27.11 -28.01
CA ALA A 454 -5.35 -26.73 -27.86
C ALA A 454 -5.76 -26.62 -26.42
N VAL A 455 -5.32 -27.57 -25.60
CA VAL A 455 -5.72 -27.55 -24.17
CA VAL A 455 -5.73 -27.55 -24.19
C VAL A 455 -5.05 -26.41 -23.43
N ARG A 456 -3.78 -26.16 -23.74
CA ARG A 456 -3.08 -25.04 -23.12
C ARG A 456 -3.75 -23.69 -23.43
N LYS A 457 -4.23 -23.55 -24.68
CA LYS A 457 -4.96 -22.36 -25.08
C LYS A 457 -6.33 -22.28 -24.39
N GLU A 458 -7.02 -23.41 -24.34
CA GLU A 458 -8.36 -23.44 -23.73
C GLU A 458 -8.33 -22.96 -22.30
N ARG A 459 -7.25 -23.29 -21.57
CA ARG A 459 -7.09 -22.83 -20.21
C ARG A 459 -7.10 -21.31 -20.11
N SER A 460 -6.50 -20.63 -21.11
CA SER A 460 -6.57 -19.18 -21.13
C SER A 460 -7.99 -18.70 -21.39
N TYR A 461 -8.70 -19.31 -22.35
CA TYR A 461 -10.08 -18.91 -22.66
C TYR A 461 -11.07 -19.23 -21.55
N GLU A 462 -10.82 -20.31 -20.82
CA GLU A 462 -11.74 -20.69 -19.77
C GLU A 462 -11.50 -20.00 -18.44
N LEU A 463 -10.22 -19.86 -18.09
CA LEU A 463 -9.82 -19.47 -16.74
C LEU A 463 -9.08 -18.13 -16.63
N SER A 464 -9.10 -17.32 -17.68
CA SER A 464 -8.35 -16.08 -17.71
C SER A 464 -8.54 -15.27 -16.46
N PHE A 465 -7.42 -14.76 -15.90
CA PHE A 465 -7.43 -13.83 -14.76
C PHE A 465 -7.77 -14.48 -13.40
N GLU A 466 -8.10 -15.77 -13.40
CA GLU A 466 -8.47 -16.49 -12.16
C GLU A 466 -7.25 -17.07 -11.39
N GLY A 467 -6.04 -16.69 -11.82
CA GLY A 467 -4.83 -16.96 -11.06
C GLY A 467 -4.02 -18.19 -11.42
N HIS A 468 -4.29 -18.76 -12.58
CA HIS A 468 -3.64 -20.01 -12.98
C HIS A 468 -2.61 -19.89 -14.07
N ARG A 469 -2.65 -18.82 -14.84
CA ARG A 469 -1.81 -18.80 -16.03
C ARG A 469 -0.32 -18.90 -15.77
N ARG A 470 0.17 -18.07 -14.86
CA ARG A 470 1.60 -18.09 -14.57
C ARG A 470 2.06 -19.44 -14.05
N GLN A 471 1.33 -20.01 -13.08
CA GLN A 471 1.77 -21.34 -12.60
C GLN A 471 1.65 -22.44 -13.65
N ASP A 472 0.70 -22.30 -14.58
CA ASP A 472 0.56 -23.22 -15.70
C ASP A 472 1.79 -23.09 -16.59
N LEU A 473 2.13 -21.85 -17.00
CA LEU A 473 3.31 -21.63 -17.84
C LEU A 473 4.56 -22.23 -17.19
N ILE A 474 4.66 -22.05 -15.88
CA ILE A 474 5.77 -22.58 -15.11
C ILE A 474 5.77 -24.12 -15.12
N ARG A 475 4.66 -24.78 -14.82
CA ARG A 475 4.67 -26.24 -14.80
C ARG A 475 4.88 -26.81 -16.21
N TRP A 476 4.51 -26.04 -17.24
CA TRP A 476 4.78 -26.43 -18.61
C TRP A 476 6.22 -26.18 -19.05
N GLY A 477 6.99 -25.43 -18.24
CA GLY A 477 8.38 -25.14 -18.51
C GLY A 477 8.56 -24.08 -19.58
N ILE A 478 7.55 -23.24 -19.78
CA ILE A 478 7.61 -22.21 -20.84
C ILE A 478 7.41 -20.77 -20.37
N TYR A 479 7.63 -20.49 -19.09
CA TYR A 479 7.32 -19.16 -18.56
C TYR A 479 8.20 -18.10 -19.22
N TYR A 480 9.51 -18.26 -19.12
CA TYR A 480 10.40 -17.29 -19.77
C TYR A 480 10.16 -17.21 -21.29
N LYS A 481 10.05 -18.36 -21.97
CA LYS A 481 9.78 -18.38 -23.42
C LYS A 481 8.51 -17.57 -23.77
N THR A 482 7.47 -17.73 -22.95
CA THR A 482 6.18 -17.05 -23.22
C THR A 482 6.26 -15.55 -22.98
N VAL A 483 6.96 -15.14 -21.92
CA VAL A 483 7.14 -13.69 -21.66
C VAL A 483 7.90 -13.07 -22.84
N GLN A 484 8.97 -13.74 -23.27
CA GLN A 484 9.76 -13.27 -24.40
C GLN A 484 8.95 -13.22 -25.69
N ALA A 485 8.12 -14.24 -25.92
CA ALA A 485 7.35 -14.28 -27.15
C ALA A 485 6.24 -13.23 -27.12
N THR A 486 5.66 -13.02 -25.94
CA THR A 486 4.63 -12.00 -25.76
C THR A 486 5.19 -10.60 -26.07
N ALA A 487 6.42 -10.35 -25.60
CA ALA A 487 7.09 -9.08 -25.89
C ALA A 487 7.19 -8.85 -27.41
N LYS A 488 7.64 -9.86 -28.14
CA LYS A 488 7.73 -9.76 -29.61
C LYS A 488 6.39 -9.50 -30.27
N GLU A 489 5.38 -10.26 -29.83
CA GLU A 489 4.05 -10.14 -30.42
C GLU A 489 3.41 -8.79 -30.21
N LEU A 490 3.56 -8.22 -29.03
CA LEU A 490 3.08 -6.88 -28.78
C LEU A 490 3.82 -5.90 -29.66
N GLY A 491 5.12 -6.15 -29.88
CA GLY A 491 5.92 -5.29 -30.73
C GLY A 491 5.43 -5.33 -32.16
N TYR A 492 5.04 -6.51 -32.65
CA TYR A 492 4.49 -6.61 -34.01
C TYR A 492 3.14 -5.81 -34.09
N TRP A 493 2.27 -5.99 -33.12
CA TRP A 493 1.01 -5.25 -33.07
C TRP A 493 1.13 -3.70 -33.04
N TRP A 494 2.04 -3.22 -32.20
CA TRP A 494 2.22 -1.78 -31.96
C TRP A 494 2.65 -1.06 -33.21
N GLU A 495 1.92 -0.03 -33.58
CA GLU A 495 2.26 0.76 -34.75
C GLU A 495 2.65 2.20 -34.42
N GLY A 496 2.61 2.59 -33.16
CA GLY A 496 2.97 3.96 -32.80
C GLY A 496 4.46 4.08 -32.51
N THR A 497 4.88 5.31 -32.20
CA THR A 497 6.26 5.56 -31.82
C THR A 497 6.46 4.88 -30.46
N GLY A 498 7.71 4.58 -30.11
CA GLY A 498 7.98 3.97 -28.84
C GLY A 498 7.55 2.53 -28.85
N SER A 499 7.32 1.97 -27.67
CA SER A 499 7.01 0.58 -27.56
C SER A 499 5.77 0.34 -26.75
N PRO A 500 5.12 -0.80 -26.98
CA PRO A 500 3.97 -1.08 -26.14
C PRO A 500 4.41 -1.40 -24.71
N ASN A 501 3.53 -1.22 -23.74
CA ASN A 501 3.83 -1.57 -22.35
C ASN A 501 3.98 -3.07 -22.13
N TYR A 502 5.13 -3.51 -21.62
CA TYR A 502 5.29 -4.93 -21.25
C TYR A 502 6.54 -5.03 -20.39
N SER A 503 6.48 -4.32 -19.26
CA SER A 503 7.65 -4.17 -18.40
C SER A 503 8.18 -5.47 -17.85
N VAL A 504 7.30 -6.43 -17.62
CA VAL A 504 7.70 -7.76 -17.13
C VAL A 504 8.81 -8.37 -18.00
N ALA A 505 8.79 -8.15 -19.33
CA ALA A 505 9.88 -8.69 -20.18
C ALA A 505 11.27 -8.10 -19.90
N THR A 506 11.35 -6.88 -19.42
CA THR A 506 12.63 -6.27 -19.13
C THR A 506 13.41 -7.04 -18.06
N TYR A 507 12.72 -7.58 -17.08
CA TYR A 507 13.36 -8.15 -15.88
C TYR A 507 13.28 -9.65 -15.70
N THR A 508 12.30 -10.30 -16.35
CA THR A 508 12.08 -11.75 -16.19
C THR A 508 13.31 -12.51 -16.67
N GLU A 509 13.82 -13.35 -15.79
CA GLU A 509 15.09 -14.05 -16.04
C GLU A 509 14.89 -15.55 -16.04
N GLU A 510 15.41 -16.20 -17.07
CA GLU A 510 15.23 -17.62 -17.20
C GLU A 510 16.02 -18.31 -16.11
N GLY A 511 15.40 -19.29 -15.45
CA GLY A 511 16.09 -19.99 -14.37
C GLY A 511 16.01 -19.27 -13.02
N LYS A 512 15.31 -18.15 -12.97
CA LYS A 512 15.12 -17.42 -11.73
C LYS A 512 13.64 -17.33 -11.41
N HIS A 513 12.88 -16.69 -12.30
CA HIS A 513 11.50 -16.29 -12.00
C HIS A 513 10.44 -17.40 -12.08
N GLU A 514 10.87 -18.62 -12.29
CA GLU A 514 9.97 -19.78 -12.18
C GLU A 514 9.69 -20.11 -10.69
N LEU A 515 10.46 -19.52 -9.78
CA LEU A 515 10.18 -19.57 -8.34
C LEU A 515 10.28 -18.21 -7.72
N PHE A 516 9.59 -18.04 -6.61
CA PHE A 516 9.81 -16.90 -5.74
C PHE A 516 11.02 -17.23 -4.86
N PRO A 517 11.71 -16.22 -4.37
CA PRO A 517 12.83 -16.51 -3.49
C PRO A 517 12.33 -16.98 -2.13
N ILE A 518 13.19 -17.69 -1.41
CA ILE A 518 12.91 -18.00 -0.02
C ILE A 518 13.07 -16.62 0.63
N PRO A 519 12.12 -16.18 1.46
CA PRO A 519 12.27 -14.81 2.01
C PRO A 519 13.59 -14.59 2.73
N GLN A 520 14.18 -13.43 2.51
CA GLN A 520 15.48 -13.14 3.10
C GLN A 520 15.44 -13.26 4.61
N ARG A 521 14.36 -12.80 5.24
CA ARG A 521 14.24 -12.89 6.70
C ARG A 521 14.42 -14.32 7.16
N ASP A 522 13.80 -15.26 6.46
CA ASP A 522 13.91 -16.68 6.80
C ASP A 522 15.26 -17.27 6.48
N MSE A 523 15.86 -16.84 5.37
CA MSE A 523 17.23 -17.25 5.04
C MSE A 523 18.17 -16.87 6.18
O MSE A 523 19.01 -17.67 6.61
CB MSE A 523 17.69 -16.53 3.75
CG MSE A 523 16.98 -16.99 2.49
SE MSE A 523 17.40 -18.84 2.02
CE MSE A 523 19.25 -18.84 2.21
N ASP A 524 18.00 -15.62 6.65
CA ASP A 524 18.81 -15.08 7.73
C ASP A 524 18.65 -15.81 9.07
N LEU A 525 17.49 -16.40 9.31
CA LEU A 525 17.23 -17.11 10.56
C LEU A 525 17.50 -18.61 10.52
N CYS A 526 17.58 -19.20 9.34
CA CYS A 526 17.69 -20.66 9.18
C CYS A 526 19.00 -20.98 8.46
N ILE A 527 20.04 -21.21 9.22
CA ILE A 527 21.38 -21.39 8.73
C ILE A 527 21.54 -22.56 7.75
N GLN A 528 20.64 -23.55 7.75
CA GLN A 528 20.77 -24.68 6.80
C GLN A 528 20.06 -24.41 5.47
N PHE A 529 19.33 -23.31 5.34
CA PHE A 529 18.60 -23.06 4.09
C PHE A 529 19.52 -22.68 2.96
N ASN A 530 19.10 -23.05 1.75
CA ASN A 530 19.70 -22.62 0.50
C ASN A 530 18.65 -21.79 -0.21
N GLN A 531 19.10 -20.66 -0.77
CA GLN A 531 18.26 -19.80 -1.58
C GLN A 531 18.01 -20.48 -2.94
N ASN A 532 16.89 -20.16 -3.55
CA ASN A 532 16.51 -20.70 -4.84
C ASN A 532 17.44 -20.26 -5.97
N PRO A 533 17.47 -21.03 -7.07
CA PRO A 533 18.39 -20.71 -8.19
C PRO A 533 18.25 -19.28 -8.67
N LYS A 534 19.42 -18.64 -8.81
CA LYS A 534 19.56 -17.26 -9.31
CA LYS A 534 19.56 -17.27 -9.31
C LYS A 534 18.99 -16.16 -8.42
N TRP A 535 18.53 -16.52 -7.23
CA TRP A 535 18.02 -15.51 -6.28
C TRP A 535 19.11 -15.18 -5.26
N GLY B 1 18.80 25.57 -11.76
CA GLY B 1 17.35 25.75 -12.11
C GLY B 1 17.18 26.77 -13.21
N GLU B 2 15.92 27.09 -13.55
CA GLU B 2 15.61 28.05 -14.63
C GLU B 2 16.15 29.45 -14.36
N GLU B 3 16.37 29.76 -13.09
CA GLU B 3 17.03 31.01 -12.72
C GLU B 3 18.41 31.18 -13.39
N THR B 4 19.06 30.09 -13.81
CA THR B 4 20.39 30.12 -14.47
C THR B 4 20.32 30.29 -16.02
N ARG B 5 19.15 30.09 -16.62
CA ARG B 5 18.99 30.14 -18.08
C ARG B 5 18.74 31.55 -18.65
N THR B 6 19.25 31.81 -19.86
CA THR B 6 19.06 33.11 -20.51
C THR B 6 17.64 33.25 -21.10
N GLU B 7 17.26 34.48 -21.49
CA GLU B 7 15.95 34.74 -22.09
C GLU B 7 15.82 33.99 -23.43
N VAL B 8 16.91 33.96 -24.21
CA VAL B 8 16.93 33.24 -25.49
C VAL B 8 16.70 31.73 -25.29
N GLU B 9 17.42 31.15 -24.32
CA GLU B 9 17.27 29.72 -23.96
C GLU B 9 15.84 29.36 -23.53
N LYS B 10 15.24 30.21 -22.69
CA LYS B 10 13.87 29.99 -22.23
C LYS B 10 12.83 30.11 -23.36
N LYS B 11 12.99 31.10 -24.24
CA LYS B 11 12.09 31.30 -25.39
C LYS B 11 12.04 30.06 -26.31
N ASN B 12 13.18 29.33 -26.37
CA ASN B 12 13.31 28.12 -27.19
C ASN B 12 12.85 26.80 -26.57
N TYR B 13 12.14 26.85 -25.43
CA TYR B 13 11.73 25.63 -24.75
C TYR B 13 10.24 25.77 -24.43
N MSE B 14 9.67 24.73 -23.85
CA MSE B 14 8.26 24.68 -23.49
C MSE B 14 7.34 24.81 -24.71
O MSE B 14 6.30 25.45 -24.64
CB MSE B 14 7.92 25.71 -22.42
CG MSE B 14 8.73 25.49 -21.13
SE MSE B 14 8.23 26.66 -19.64
CE MSE B 14 6.33 26.24 -19.62
N ASN B 15 7.73 24.19 -25.82
CA ASN B 15 6.92 24.18 -27.04
C ASN B 15 5.83 23.11 -27.08
N ASN B 16 5.80 22.22 -26.09
CA ASN B 16 4.74 21.24 -25.97
C ASN B 16 4.61 20.90 -24.48
N ALA B 17 3.66 20.04 -24.15
CA ALA B 17 3.42 19.73 -22.74
C ALA B 17 4.58 19.00 -22.11
N GLU B 18 5.24 18.16 -22.90
CA GLU B 18 6.36 17.37 -22.35
C GLU B 18 7.54 18.28 -21.95
N GLU B 19 7.83 19.29 -22.75
CA GLU B 19 8.86 20.27 -22.38
C GLU B 19 8.41 21.12 -21.20
N ALA B 20 7.12 21.49 -21.15
CA ALA B 20 6.59 22.19 -20.01
C ALA B 20 6.76 21.35 -18.72
N LYS B 21 6.43 20.07 -18.81
CA LYS B 21 6.51 19.22 -17.66
C LYS B 21 7.93 19.23 -17.06
N ASP B 22 8.94 19.14 -17.93
CA ASP B 22 10.35 19.16 -17.52
CA ASP B 22 10.31 19.15 -17.45
C ASP B 22 10.60 20.39 -16.63
N VAL B 23 10.10 21.56 -17.07
CA VAL B 23 10.30 22.81 -16.32
C VAL B 23 9.54 22.76 -14.99
N LEU B 24 8.32 22.25 -15.03
CA LEU B 24 7.52 22.10 -13.82
C LEU B 24 8.25 21.28 -12.76
N LEU B 25 8.88 20.20 -13.19
CA LEU B 25 9.58 19.34 -12.25
C LEU B 25 10.75 20.07 -11.62
N GLY B 26 11.32 21.05 -12.32
CA GLY B 26 12.33 21.94 -11.74
C GLY B 26 11.80 22.77 -10.58
N VAL B 27 10.50 23.12 -10.62
CA VAL B 27 9.87 23.82 -9.51
C VAL B 27 9.79 22.84 -8.31
N TYR B 28 9.30 21.64 -8.53
CA TYR B 28 9.25 20.63 -7.49
C TYR B 28 10.60 20.32 -6.85
N ARG B 29 11.65 20.32 -7.66
CA ARG B 29 12.99 19.93 -7.21
C ARG B 29 13.48 20.81 -6.06
N THR B 30 12.98 22.03 -6.00
CA THR B 30 13.33 22.96 -4.93
C THR B 30 13.13 22.33 -3.54
N ASN B 31 12.06 21.54 -3.41
CA ASN B 31 11.70 20.92 -2.15
C ASN B 31 12.74 19.97 -1.56
N THR B 32 13.59 19.41 -2.42
CA THR B 32 14.61 18.44 -1.97
C THR B 32 15.86 19.09 -1.45
N LEU B 33 15.95 20.41 -1.57
CA LEU B 33 17.11 21.13 -1.03
C LEU B 33 17.27 20.88 0.44
N ASP B 34 18.53 20.86 0.90
CA ASP B 34 18.81 20.74 2.33
C ASP B 34 18.10 21.87 3.09
N ALA B 35 18.12 23.07 2.51
CA ALA B 35 17.49 24.22 3.14
C ALA B 35 15.97 24.19 3.06
N MSE B 36 15.42 23.27 2.28
CA MSE B 36 13.96 23.08 2.19
C MSE B 36 13.66 21.80 3.01
O MSE B 36 14.04 21.73 4.19
CB MSE B 36 13.55 23.01 0.69
CG MSE B 36 13.78 24.34 -0.06
SE MSE B 36 12.49 25.64 0.43
CE MSE B 36 10.95 24.79 -0.41
N TYR B 37 13.05 20.77 2.41
CA TYR B 37 12.64 19.58 3.19
C TYR B 37 13.68 18.50 3.39
N GLY B 38 14.87 18.65 2.83
CA GLY B 38 15.97 17.72 3.03
C GLY B 38 16.41 17.77 4.49
N TYR B 39 16.25 18.93 5.12
CA TYR B 39 16.71 19.13 6.50
C TYR B 39 16.09 20.27 7.27
N TYR B 40 16.15 21.50 6.77
CA TYR B 40 15.73 22.62 7.62
C TYR B 40 14.23 22.69 7.86
N LEU B 41 13.44 22.66 6.78
CA LEU B 41 12.01 22.75 6.90
C LEU B 41 11.36 21.47 7.38
N SER B 42 12.03 20.34 7.22
CA SER B 42 11.51 19.09 7.73
C SER B 42 11.84 18.89 9.21
N ILE B 43 13.10 19.08 9.55
CA ILE B 43 13.61 18.72 10.86
C ILE B 43 14.13 19.83 11.72
N LEU B 44 15.12 20.57 11.23
CA LEU B 44 15.86 21.52 12.08
C LEU B 44 15.05 22.67 12.69
N PHE B 45 14.14 23.21 11.91
CA PHE B 45 13.39 24.37 12.33
C PHE B 45 12.11 24.03 13.12
N ASN B 46 11.88 22.75 13.43
CA ASN B 46 10.64 22.30 14.06
C ASN B 46 10.86 21.74 15.46
N LEU B 47 12.06 21.93 15.99
CA LEU B 47 12.40 21.39 17.30
C LEU B 47 12.11 22.36 18.45
N GLY B 48 12.10 21.82 19.66
CA GLY B 48 11.99 22.65 20.84
C GLY B 48 10.57 22.90 21.23
N THR B 49 9.87 21.82 21.53
CA THR B 49 8.47 21.88 21.89
C THR B 49 8.20 21.02 23.11
N ASP B 50 6.92 20.69 23.33
CA ASP B 50 6.55 19.73 24.36
C ASP B 50 6.83 18.29 23.99
N ILE B 51 7.19 18.02 22.72
CA ILE B 51 7.38 16.64 22.25
C ILE B 51 8.79 16.30 21.79
N SER B 52 9.57 17.29 21.36
CA SER B 52 10.91 16.97 20.85
C SER B 52 11.84 18.16 21.01
N GLN B 53 13.13 17.85 21.06
CA GLN B 53 14.15 18.85 21.25
C GLN B 53 15.44 18.30 20.63
N VAL B 54 16.41 19.16 20.40
CA VAL B 54 17.72 18.68 19.92
C VAL B 54 18.49 17.99 21.06
N GLU B 55 19.39 17.08 20.68
CA GLU B 55 20.24 16.34 21.56
C GLU B 55 21.11 17.27 22.42
N GLY B 56 21.38 16.79 23.61
CA GLY B 56 22.38 17.43 24.47
C GLY B 56 21.80 18.33 25.54
N SER B 57 22.69 18.85 26.37
CA SER B 57 22.25 19.71 27.46
C SER B 57 22.34 21.17 27.15
N GLY B 58 23.12 21.53 26.13
CA GLY B 58 23.35 22.90 25.80
C GLY B 58 22.96 23.33 24.40
N ASN B 59 23.55 24.43 23.95
CA ASN B 59 23.25 25.05 22.64
C ASN B 59 24.40 25.12 21.65
N GLU B 60 25.44 24.28 21.83
CA GLU B 60 26.61 24.30 20.99
C GLU B 60 26.38 23.73 19.59
N ASN B 61 27.17 24.20 18.61
CA ASN B 61 27.15 23.69 17.24
C ASN B 61 25.76 23.67 16.62
N PHE B 62 25.29 22.52 16.13
CA PHE B 62 23.98 22.43 15.48
C PHE B 62 22.79 22.64 16.43
N ARG B 63 23.06 22.82 17.72
CA ARG B 63 22.00 22.98 18.68
C ARG B 63 21.50 24.40 18.75
N ILE B 64 22.21 25.32 18.08
CA ILE B 64 21.87 26.71 18.23
C ILE B 64 20.47 27.07 17.75
N ILE B 65 20.02 26.56 16.62
CA ILE B 65 18.68 26.88 16.14
C ILE B 65 17.60 26.20 16.97
N PRO B 66 17.71 24.88 17.22
CA PRO B 66 16.67 24.21 18.04
C PRO B 66 16.52 24.69 19.46
N THR B 67 17.51 25.41 19.99
CA THR B 67 17.44 26.00 21.33
C THR B 67 17.02 27.45 21.38
N ASN B 68 16.67 28.04 20.21
CA ASN B 68 16.26 29.41 20.14
C ASN B 68 17.27 30.38 20.69
N SER B 69 18.52 30.13 20.37
CA SER B 69 19.63 30.95 20.86
C SER B 69 20.50 31.53 19.73
N PHE B 70 19.89 31.66 18.55
CA PHE B 70 20.59 32.07 17.34
C PHE B 70 20.35 33.53 16.99
N PRO B 71 21.33 34.16 16.31
CA PRO B 71 21.25 35.55 15.88
C PRO B 71 20.54 35.74 14.53
N THR B 72 20.28 36.99 14.16
CA THR B 72 19.64 37.29 12.88
C THR B 72 20.50 36.91 11.67
N THR B 73 21.79 36.75 11.91
CA THR B 73 22.78 36.44 10.91
C THR B 73 22.94 34.93 10.69
N GLN B 74 22.16 34.11 11.39
CA GLN B 74 22.34 32.66 11.33
C GLN B 74 22.20 32.20 9.87
N SER B 75 23.21 31.50 9.37
CA SER B 75 23.26 31.12 7.96
CA SER B 75 23.26 31.13 7.96
C SER B 75 22.07 30.31 7.48
N GLU B 76 21.67 29.30 8.25
CA GLU B 76 20.59 28.45 7.81
C GLU B 76 19.29 29.20 7.52
N VAL B 77 19.02 30.21 8.33
CA VAL B 77 17.82 31.02 8.19
C VAL B 77 17.85 31.73 6.84
N GLN B 78 18.99 32.30 6.51
CA GLN B 78 19.17 32.96 5.21
CA GLN B 78 19.21 32.96 5.23
C GLN B 78 19.05 31.96 4.08
N GLN B 79 19.60 30.76 4.24
CA GLN B 79 19.51 29.76 3.20
C GLN B 79 18.08 29.34 2.90
N THR B 80 17.24 29.20 3.94
CA THR B 80 15.83 28.83 3.74
C THR B 80 15.03 29.96 3.09
N TRP B 81 15.26 31.16 3.55
CA TRP B 81 14.65 32.34 2.94
C TRP B 81 14.96 32.37 1.44
N ALA B 82 16.24 32.22 1.10
CA ALA B 82 16.69 32.26 -0.30
C ALA B 82 16.09 31.09 -1.09
N ALA B 83 16.00 29.92 -0.46
CA ALA B 83 15.48 28.74 -1.13
C ALA B 83 14.01 28.89 -1.46
N LEU B 84 13.25 29.44 -0.52
CA LEU B 84 11.81 29.64 -0.74
C LEU B 84 11.62 30.62 -1.90
N TYR B 85 12.36 31.73 -1.89
CA TYR B 85 12.26 32.71 -2.99
C TYR B 85 12.73 32.15 -4.34
N THR B 86 13.68 31.20 -4.30
CA THR B 86 14.10 30.52 -5.52
C THR B 86 12.95 29.64 -6.04
N GLY B 87 12.28 28.93 -5.14
CA GLY B 87 11.13 28.11 -5.54
C GLY B 87 10.06 29.01 -6.16
N ILE B 88 9.81 30.16 -5.51
CA ILE B 88 8.84 31.14 -6.02
C ILE B 88 9.23 31.69 -7.39
N TYR B 89 10.52 32.00 -7.56
CA TYR B 89 11.03 32.44 -8.85
C TYR B 89 10.75 31.36 -9.92
N ARG B 90 11.03 30.12 -9.59
CA ARG B 90 10.82 29.02 -10.54
C ARG B 90 9.36 28.87 -10.90
N ALA B 91 8.48 28.99 -9.90
CA ALA B 91 7.05 28.89 -10.15
C ALA B 91 6.60 30.04 -11.03
N ASN B 92 6.99 31.25 -10.65
CA ASN B 92 6.68 32.44 -11.44
C ASN B 92 7.15 32.29 -12.90
N ASP B 93 8.39 31.83 -13.09
CA ASP B 93 8.99 31.68 -14.40
C ASP B 93 8.19 30.71 -15.26
N PHE B 94 7.85 29.58 -14.64
CA PHE B 94 7.04 28.58 -15.31
C PHE B 94 5.69 29.16 -15.76
N LEU B 95 5.01 29.84 -14.84
CA LEU B 95 3.71 30.39 -15.11
C LEU B 95 3.75 31.47 -16.21
N GLU B 96 4.74 32.35 -16.12
CA GLU B 96 4.90 33.41 -17.12
C GLU B 96 5.11 32.79 -18.52
N ARG B 97 5.97 31.78 -18.61
CA ARG B 97 6.32 31.16 -19.88
C ARG B 97 5.18 30.34 -20.45
N ILE B 98 4.56 29.50 -19.64
CA ILE B 98 3.47 28.66 -20.15
C ILE B 98 2.30 29.52 -20.60
N SER B 99 2.10 30.68 -19.99
CA SER B 99 1.04 31.59 -20.41
C SER B 99 1.20 32.02 -21.89
N ASN B 100 2.45 32.16 -22.33
CA ASN B 100 2.73 32.54 -23.70
C ASN B 100 2.84 31.39 -24.69
N LYS B 101 2.84 30.17 -24.20
CA LYS B 101 3.00 28.99 -25.05
CA LYS B 101 3.01 28.96 -25.02
C LYS B 101 1.75 28.12 -25.20
N ILE B 102 0.87 28.17 -24.20
CA ILE B 102 -0.31 27.32 -24.18
C ILE B 102 -1.20 27.44 -25.42
N GLY B 103 -1.34 28.64 -25.96
CA GLY B 103 -2.17 28.89 -27.14
C GLY B 103 -1.74 28.03 -28.32
N SER B 104 -0.45 27.71 -28.39
CA SER B 104 0.11 26.90 -29.46
C SER B 104 0.02 25.39 -29.24
N TYR B 105 -0.37 24.95 -28.04
CA TYR B 105 -0.37 23.51 -27.77
C TYR B 105 -1.54 22.78 -28.37
N THR B 106 -1.39 21.47 -28.58
CA THR B 106 -2.51 20.64 -29.01
C THR B 106 -3.56 20.61 -27.92
N THR B 107 -4.77 20.19 -28.28
CA THR B 107 -5.87 20.07 -27.34
C THR B 107 -5.46 19.29 -26.10
N THR B 108 -4.83 18.13 -26.32
CA THR B 108 -4.38 17.28 -25.22
C THR B 108 -3.37 17.98 -24.34
N ASP B 109 -2.44 18.67 -24.98
CA ASP B 109 -1.39 19.38 -24.22
C ASP B 109 -1.90 20.61 -23.48
N LYS B 110 -2.93 21.28 -24.01
CA LYS B 110 -3.53 22.42 -23.30
C LYS B 110 -4.13 21.95 -21.96
N LYS B 111 -4.76 20.77 -21.98
CA LYS B 111 -5.36 20.26 -20.76
C LYS B 111 -4.25 19.98 -19.74
N LEU B 112 -3.23 19.26 -20.16
CA LEU B 112 -2.09 19.03 -19.29
C LEU B 112 -1.51 20.34 -18.82
N ALA B 113 -1.37 21.31 -19.70
CA ALA B 113 -0.83 22.63 -19.31
C ALA B 113 -1.62 23.24 -18.17
N THR B 114 -2.95 23.11 -18.17
CA THR B 114 -3.74 23.68 -17.06
C THR B 114 -3.44 22.95 -15.78
N LEU B 115 -3.26 21.63 -15.87
CA LEU B 115 -2.92 20.90 -14.65
C LEU B 115 -1.56 21.37 -14.14
N TYR B 116 -0.59 21.53 -15.05
CA TYR B 116 0.74 21.98 -14.66
C TYR B 116 0.71 23.38 -14.07
N ILE B 117 -0.12 24.26 -14.62
CA ILE B 117 -0.35 25.58 -14.04
C ILE B 117 -0.79 25.43 -12.59
N ALA B 118 -1.78 24.56 -12.37
CA ALA B 118 -2.30 24.35 -11.02
C ALA B 118 -1.23 23.81 -10.08
N GLU B 119 -0.39 22.92 -10.58
CA GLU B 119 0.68 22.36 -9.76
C GLU B 119 1.67 23.43 -9.36
N ALA B 120 2.08 24.26 -10.33
CA ALA B 120 3.01 25.36 -10.04
C ALA B 120 2.41 26.37 -9.07
N ARG B 121 1.13 26.66 -9.22
CA ARG B 121 0.46 27.58 -8.33
C ARG B 121 0.34 26.97 -6.92
N ALA B 122 0.02 25.68 -6.81
CA ALA B 122 -0.03 25.02 -5.52
C ALA B 122 1.35 25.07 -4.83
N LEU B 123 2.42 24.81 -5.58
CA LEU B 123 3.75 24.87 -5.01
C LEU B 123 4.06 26.30 -4.55
N ARG B 124 3.70 27.27 -5.38
CA ARG B 124 3.91 28.67 -5.04
C ARG B 124 3.16 29.02 -3.73
N GLY B 125 1.93 28.54 -3.59
CA GLY B 125 1.17 28.78 -2.36
C GLY B 125 1.86 28.15 -1.14
N MSE B 126 2.39 26.93 -1.34
CA MSE B 126 3.10 26.18 -0.33
C MSE B 126 4.34 26.94 0.08
O MSE B 126 4.60 27.10 1.27
CB MSE B 126 3.46 24.77 -0.86
CG MSE B 126 4.23 23.92 0.13
SE MSE B 126 4.29 22.14 -0.56
CE MSE B 126 5.65 21.36 0.59
N PHE B 127 5.11 27.45 -0.89
CA PHE B 127 6.32 28.26 -0.56
C PHE B 127 5.94 29.55 0.21
N TYR B 128 4.94 30.27 -0.23
CA TYR B 128 4.53 31.45 0.48
C TYR B 128 3.96 31.12 1.86
N PHE B 129 3.27 29.99 2.00
CA PHE B 129 2.75 29.62 3.31
C PHE B 129 3.90 29.41 4.30
N GLU B 130 4.94 28.72 3.89
CA GLU B 130 6.13 28.56 4.74
C GLU B 130 6.72 29.94 5.10
N LEU B 131 6.82 30.81 4.09
CA LEU B 131 7.36 32.15 4.35
C LEU B 131 6.50 32.91 5.35
N VAL B 132 5.20 32.97 5.09
CA VAL B 132 4.36 33.78 5.94
C VAL B 132 4.29 33.24 7.38
N ARG B 133 4.17 31.93 7.54
CA ARG B 133 4.03 31.42 8.87
C ARG B 133 5.33 31.43 9.67
N ARG B 134 6.46 31.25 9.01
CA ARG B 134 7.75 31.24 9.69
C ARG B 134 8.42 32.63 9.87
N PHE B 135 8.21 33.54 8.90
CA PHE B 135 8.87 34.83 8.86
C PHE B 135 7.89 35.98 9.07
N GLY B 136 6.60 35.73 8.90
CA GLY B 136 5.59 36.68 9.29
C GLY B 136 5.36 37.87 8.37
N ASN B 137 6.45 38.52 7.97
CA ASN B 137 6.45 39.79 7.24
C ASN B 137 7.39 39.67 6.04
N VAL B 138 6.80 39.25 4.93
CA VAL B 138 7.58 38.86 3.77
C VAL B 138 7.19 39.63 2.51
N VAL B 139 8.02 39.48 1.49
CA VAL B 139 7.82 40.16 0.21
C VAL B 139 7.00 39.26 -0.71
N LEU B 140 6.00 39.88 -1.36
CA LEU B 140 5.25 39.21 -2.43
C LEU B 140 6.05 39.49 -3.70
N MSE B 141 6.87 38.52 -4.11
CA MSE B 141 7.72 38.61 -5.28
C MSE B 141 6.94 38.00 -6.42
O MSE B 141 7.04 36.81 -6.70
CB MSE B 141 9.03 37.86 -5.00
CG MSE B 141 10.14 38.19 -5.90
SE MSE B 141 10.83 39.99 -5.61
CE MSE B 141 11.74 39.71 -3.92
N THR B 142 6.11 38.83 -7.06
CA THR B 142 5.09 38.32 -7.96
C THR B 142 5.48 38.03 -9.39
N SER B 143 6.72 38.32 -9.75
CA SER B 143 7.19 38.00 -11.09
C SER B 143 8.71 37.80 -11.09
N THR B 144 9.20 37.15 -12.14
CA THR B 144 10.63 36.99 -12.28
C THR B 144 11.29 38.38 -12.44
N GLN B 145 10.60 39.29 -13.13
CA GLN B 145 11.09 40.66 -13.30
C GLN B 145 11.30 41.33 -11.94
N MSE B 146 10.38 41.16 -11.01
CA MSE B 146 10.55 41.74 -9.66
CA MSE B 146 10.56 41.79 -9.70
C MSE B 146 11.82 41.28 -9.01
O MSE B 146 12.50 42.06 -8.32
CB MSE B 146 9.38 41.41 -8.74
CB MSE B 146 9.33 41.61 -8.82
CG MSE B 146 8.21 42.29 -8.91
CG MSE B 146 9.30 42.60 -7.68
SE MSE B 146 7.13 42.17 -7.31
SE MSE B 146 7.69 42.26 -6.71
CE MSE B 146 8.45 42.67 -5.94
CE MSE B 146 6.44 42.56 -8.14
N SER B 147 12.20 40.02 -9.22
CA SER B 147 13.42 39.47 -8.62
CA SER B 147 13.40 39.48 -8.59
C SER B 147 14.69 40.18 -9.08
N ASN B 148 14.62 40.90 -10.20
CA ASN B 148 15.76 41.61 -10.75
C ASN B 148 15.76 43.13 -10.47
N GLN B 149 14.76 43.59 -9.72
CA GLN B 149 14.70 45.00 -9.34
C GLN B 149 15.73 45.33 -8.25
N ASN B 150 16.02 46.61 -8.11
CA ASN B 150 16.86 47.11 -7.07
C ASN B 150 16.18 46.76 -5.74
N PRO B 151 16.91 46.13 -4.81
CA PRO B 151 16.28 45.77 -3.54
C PRO B 151 15.78 46.93 -2.67
N ALA B 152 16.16 48.18 -2.97
CA ALA B 152 15.58 49.30 -2.24
C ALA B 152 14.09 49.40 -2.54
N THR B 153 13.64 48.75 -3.62
CA THR B 153 12.21 48.74 -3.99
C THR B 153 11.40 47.70 -3.25
N TYR B 154 12.04 46.75 -2.57
CA TYR B 154 11.27 45.71 -1.93
C TYR B 154 10.61 46.14 -0.61
N VAL B 155 9.34 45.74 -0.47
CA VAL B 155 8.62 45.98 0.75
C VAL B 155 7.96 44.69 1.23
N GLN B 156 7.84 44.59 2.54
CA GLN B 156 7.12 43.49 3.15
C GLN B 156 5.62 43.77 3.03
N SER B 157 4.85 42.76 2.71
CA SER B 157 3.42 42.87 2.64
C SER B 157 2.76 42.43 3.96
N ALA B 158 1.61 43.01 4.26
CA ALA B 158 0.80 42.57 5.38
C ALA B 158 0.56 41.04 5.25
N PRO B 159 0.59 40.31 6.36
CA PRO B 159 0.40 38.89 6.17
C PRO B 159 -0.97 38.53 5.57
N GLU B 160 -2.00 39.34 5.82
CA GLU B 160 -3.32 39.07 5.22
C GLU B 160 -3.26 39.05 3.68
N LYS B 161 -2.45 39.94 3.12
CA LYS B 161 -2.29 40.04 1.69
C LYS B 161 -1.53 38.82 1.17
N VAL B 162 -0.57 38.30 1.93
CA VAL B 162 0.18 37.13 1.51
C VAL B 162 -0.79 35.92 1.59
N TYR B 163 -1.56 35.84 2.68
CA TYR B 163 -2.57 34.78 2.78
C TYR B 163 -3.57 34.88 1.61
N GLU B 164 -4.01 36.09 1.26
CA GLU B 164 -4.93 36.24 0.12
C GLU B 164 -4.33 35.65 -1.17
N TYR B 165 -3.02 35.85 -1.36
CA TYR B 165 -2.27 35.41 -2.53
C TYR B 165 -2.16 33.88 -2.54
N ILE B 166 -1.80 33.30 -1.40
CA ILE B 166 -1.74 31.83 -1.23
C ILE B 166 -3.14 31.22 -1.52
N GLU B 167 -4.19 31.86 -0.99
CA GLU B 167 -5.57 31.37 -1.14
C GLU B 167 -5.92 31.30 -2.64
N ASP B 168 -5.63 32.36 -3.37
CA ASP B 168 -5.95 32.38 -4.80
CA ASP B 168 -5.96 32.38 -4.79
C ASP B 168 -5.22 31.24 -5.52
N ASP B 169 -3.94 31.06 -5.22
CA ASP B 169 -3.19 29.98 -5.84
C ASP B 169 -3.80 28.60 -5.54
N LEU B 170 -4.14 28.38 -4.26
CA LEU B 170 -4.63 27.10 -3.85
C LEU B 170 -6.06 26.87 -4.37
N LEU B 171 -6.89 27.92 -4.39
CA LEU B 171 -8.23 27.77 -4.95
C LEU B 171 -8.19 27.38 -6.42
N TYR B 172 -7.25 27.95 -7.17
CA TYR B 172 -7.12 27.57 -8.56
C TYR B 172 -6.76 26.09 -8.65
N ALA B 173 -5.83 25.66 -7.81
CA ALA B 173 -5.40 24.24 -7.81
C ALA B 173 -6.56 23.33 -7.39
N CYS B 174 -7.37 23.73 -6.42
CA CYS B 174 -8.54 22.92 -6.04
C CYS B 174 -9.54 22.80 -7.19
N ASP B 175 -9.68 23.86 -7.96
CA ASP B 175 -10.65 23.91 -9.07
C ASP B 175 -10.18 23.08 -10.25
N ILE B 176 -8.89 23.16 -10.58
CA ILE B 176 -8.36 22.53 -11.79
C ILE B 176 -7.86 21.08 -11.68
N LEU B 177 -7.20 20.76 -10.58
CA LEU B 177 -6.58 19.44 -10.46
C LEU B 177 -7.61 18.35 -10.24
N PRO B 178 -7.40 17.22 -10.88
CA PRO B 178 -8.24 16.08 -10.53
C PRO B 178 -7.77 15.51 -9.20
N TYR B 179 -8.62 14.73 -8.55
CA TYR B 179 -8.19 13.92 -7.43
C TYR B 179 -7.17 12.92 -8.00
N ALA B 180 -6.19 12.54 -7.19
CA ALA B 180 -5.13 11.65 -7.61
C ALA B 180 -5.63 10.34 -8.22
N THR B 181 -6.67 9.74 -7.64
CA THR B 181 -7.17 8.45 -8.11
C THR B 181 -8.13 8.56 -9.29
N ASP B 182 -8.55 9.77 -9.65
CA ASP B 182 -9.45 10.02 -10.79
C ASP B 182 -8.68 10.45 -12.06
N ASP B 183 -7.43 10.82 -11.91
CA ASP B 183 -6.59 11.37 -12.98
C ASP B 183 -6.23 10.42 -14.09
N GLN B 184 -6.78 10.66 -15.27
CA GLN B 184 -6.41 9.91 -16.45
C GLN B 184 -5.78 10.83 -17.50
N TYR B 185 -5.30 11.99 -17.07
CA TYR B 185 -4.60 12.92 -17.95
C TYR B 185 -3.09 12.77 -17.82
N ARG B 186 -2.57 12.78 -16.60
CA ARG B 186 -1.14 12.66 -16.41
C ARG B 186 -0.72 11.19 -16.37
N GLU B 187 0.42 10.87 -16.94
CA GLU B 187 0.92 9.45 -16.94
C GLU B 187 1.09 9.00 -15.47
N SER B 188 1.67 9.88 -14.66
CA SER B 188 1.91 9.62 -13.24
C SER B 188 1.72 10.88 -12.43
N ASN B 189 1.06 10.79 -11.27
CA ASN B 189 0.95 11.95 -10.39
C ASN B 189 1.63 11.67 -9.03
N ASP B 190 2.43 10.61 -8.95
CA ASP B 190 3.14 10.21 -7.74
C ASP B 190 3.93 11.40 -7.21
N TYR B 191 3.71 11.77 -5.95
CA TYR B 191 4.44 12.87 -5.30
C TYR B 191 4.19 14.26 -5.94
N ARG B 192 3.10 14.39 -6.71
CA ARG B 192 2.71 15.65 -7.34
C ARG B 192 1.37 16.09 -6.79
N PHE B 193 1.13 17.38 -6.87
CA PHE B 193 -0.11 17.91 -6.43
C PHE B 193 -1.31 17.39 -7.23
N SER B 194 -2.35 17.00 -6.47
CA SER B 194 -3.65 16.63 -7.00
C SER B 194 -4.65 17.35 -6.10
N LYS B 195 -5.94 17.21 -6.41
CA LYS B 195 -6.96 18.02 -5.72
C LYS B 195 -6.97 17.83 -4.20
N GLY B 196 -6.80 16.60 -3.77
CA GLY B 196 -6.82 16.28 -2.34
C GLY B 196 -5.79 17.05 -1.55
N ALA B 197 -4.59 17.15 -2.12
CA ALA B 197 -3.51 17.92 -1.51
C ALA B 197 -3.78 19.43 -1.53
N ALA B 198 -4.36 19.93 -2.63
CA ALA B 198 -4.68 21.34 -2.67
C ALA B 198 -5.75 21.67 -1.62
N LEU B 199 -6.77 20.83 -1.51
CA LEU B 199 -7.84 21.05 -0.52
C LEU B 199 -7.27 20.93 0.91
N GLY B 200 -6.43 19.92 1.11
CA GLY B 200 -5.81 19.68 2.41
C GLY B 200 -4.94 20.82 2.86
N LEU B 201 -4.07 21.28 1.96
CA LEU B 201 -3.19 22.38 2.29
C LEU B 201 -3.97 23.66 2.52
N LEU B 202 -4.97 23.92 1.68
CA LEU B 202 -5.80 25.12 1.85
C LEU B 202 -6.48 25.04 3.23
N THR B 203 -6.93 23.86 3.64
CA THR B 203 -7.54 23.73 4.97
C THR B 203 -6.57 24.21 6.06
N LYS B 204 -5.33 23.76 5.98
CA LYS B 204 -4.30 24.15 6.95
C LYS B 204 -3.93 25.63 6.89
N VAL B 205 -3.87 26.17 5.67
CA VAL B 205 -3.66 27.61 5.48
C VAL B 205 -4.78 28.39 6.16
N TYR B 206 -6.03 28.00 5.90
CA TYR B 206 -7.13 28.70 6.57
C TYR B 206 -7.07 28.58 8.09
N ALA B 207 -6.76 27.39 8.59
CA ALA B 207 -6.74 27.20 10.05
C ALA B 207 -5.64 28.08 10.68
N THR B 208 -4.50 28.20 10.01
CA THR B 208 -3.37 29.00 10.50
C THR B 208 -3.71 30.48 10.46
N TRP B 209 -4.35 30.92 9.37
CA TRP B 209 -4.82 32.30 9.22
C TRP B 209 -5.82 32.69 10.34
N ALA B 210 -6.63 31.71 10.81
CA ALA B 210 -7.60 31.92 11.90
C ALA B 210 -6.91 32.02 13.23
N GLY B 211 -5.72 31.44 13.31
CA GLY B 211 -4.90 31.53 14.51
C GLY B 211 -3.93 32.71 14.58
N TYR B 212 -3.03 32.64 15.53
CA TYR B 212 -2.03 33.64 15.70
C TYR B 212 -0.95 33.52 14.62
N PRO B 213 -0.41 34.66 14.16
CA PRO B 213 -0.71 36.01 14.63
C PRO B 213 -1.82 36.74 13.92
N VAL B 214 -2.27 36.29 12.75
CA VAL B 214 -3.30 37.07 12.04
C VAL B 214 -4.64 37.09 12.75
N LYS B 215 -5.04 35.92 13.22
CA LYS B 215 -6.25 35.76 14.02
C LYS B 215 -7.51 36.23 13.32
N ASP B 216 -7.65 35.82 12.07
CA ASP B 216 -8.88 36.11 11.33
C ASP B 216 -9.84 34.94 11.62
N GLU B 217 -10.68 35.13 12.64
CA GLU B 217 -11.55 34.06 13.09
C GLU B 217 -12.60 33.60 12.12
N SER B 218 -12.84 34.39 11.08
CA SER B 218 -13.77 34.00 10.03
C SER B 218 -13.21 32.82 9.24
N LYS B 219 -11.90 32.61 9.31
CA LYS B 219 -11.27 31.53 8.52
C LYS B 219 -11.46 30.13 9.06
N TRP B 220 -11.95 30.02 10.32
CA TRP B 220 -12.26 28.69 10.85
C TRP B 220 -13.36 28.07 9.98
N GLU B 221 -14.43 28.83 9.71
CA GLU B 221 -15.48 28.34 8.84
C GLU B 221 -14.91 27.94 7.48
N ALA B 222 -14.01 28.76 6.92
CA ALA B 222 -13.40 28.43 5.62
C ALA B 222 -12.61 27.13 5.69
N ALA B 223 -11.84 26.94 6.76
CA ALA B 223 -11.08 25.70 6.94
C ALA B 223 -12.01 24.46 7.00
N ALA B 224 -13.06 24.57 7.79
CA ALA B 224 -14.04 23.50 7.94
C ALA B 224 -14.77 23.19 6.63
N LYS B 225 -15.17 24.22 5.91
CA LYS B 225 -15.90 24.02 4.65
C LYS B 225 -14.99 23.41 3.59
N THR B 226 -13.72 23.82 3.58
CA THR B 226 -12.74 23.24 2.63
C THR B 226 -12.45 21.76 2.92
N ALA B 227 -12.19 21.46 4.19
CA ALA B 227 -11.94 20.08 4.61
C ALA B 227 -13.19 19.22 4.33
N ARG B 228 -14.40 19.77 4.53
CA ARG B 228 -15.62 19.01 4.28
CA ARG B 228 -15.64 19.02 4.27
C ARG B 228 -15.68 18.49 2.83
N ILE B 229 -15.25 19.30 1.87
CA ILE B 229 -15.26 18.90 0.47
C ILE B 229 -14.37 17.70 0.30
N LEU B 230 -13.18 17.74 0.87
CA LEU B 230 -12.24 16.65 0.74
C LEU B 230 -12.74 15.40 1.48
N VAL B 231 -13.22 15.61 2.71
CA VAL B 231 -13.68 14.48 3.53
C VAL B 231 -14.88 13.80 2.91
N GLU B 232 -15.82 14.56 2.39
CA GLU B 232 -17.02 13.98 1.80
C GLU B 232 -16.85 13.47 0.39
N SER B 233 -15.67 13.71 -0.21
CA SER B 233 -15.45 13.30 -1.58
C SER B 233 -15.38 11.80 -1.71
N GLY B 234 -14.94 11.12 -0.66
CA GLY B 234 -14.74 9.70 -0.70
C GLY B 234 -13.54 9.27 -1.57
N LYS B 235 -12.60 10.19 -1.81
CA LYS B 235 -11.44 9.94 -2.68
CA LYS B 235 -11.46 9.92 -2.68
C LYS B 235 -10.18 9.61 -1.89
N HIS B 236 -10.19 9.94 -0.60
CA HIS B 236 -9.05 9.73 0.27
C HIS B 236 -9.48 9.07 1.57
N GLY B 237 -8.50 8.60 2.31
CA GLY B 237 -8.76 7.83 3.53
C GLY B 237 -7.48 7.60 4.29
N LEU B 238 -7.62 6.90 5.40
CA LEU B 238 -6.50 6.52 6.24
C LEU B 238 -6.06 5.12 5.86
N LEU B 239 -4.75 4.90 5.85
CA LEU B 239 -4.25 3.57 5.65
C LEU B 239 -4.69 2.71 6.87
N LYS B 240 -5.04 1.45 6.63
CA LYS B 240 -5.50 0.57 7.71
C LYS B 240 -4.51 0.46 8.88
N ASP B 241 -3.24 0.23 8.55
CA ASP B 241 -2.17 0.04 9.52
C ASP B 241 -1.28 1.27 9.60
N TYR B 242 -1.23 1.89 10.76
CA TYR B 242 -0.40 3.07 10.98
C TYR B 242 1.05 2.77 10.57
N GLU B 243 1.52 1.54 10.84
CA GLU B 243 2.89 1.16 10.49
C GLU B 243 3.15 1.26 8.99
N GLN B 244 2.11 1.03 8.19
CA GLN B 244 2.29 1.09 6.75
C GLN B 244 2.74 2.47 6.26
N LEU B 245 2.33 3.53 6.93
CA LEU B 245 2.78 4.86 6.53
C LEU B 245 4.33 4.95 6.54
N TRP B 246 4.94 4.33 7.55
CA TRP B 246 6.39 4.43 7.74
C TRP B 246 7.10 3.47 6.83
N LYS B 247 6.54 2.29 6.66
CA LYS B 247 7.07 1.34 5.68
C LYS B 247 7.06 2.02 4.30
N ASN B 248 5.95 2.66 3.92
CA ASN B 248 5.86 3.30 2.60
C ASN B 248 6.86 4.43 2.41
N THR B 249 6.92 5.33 3.38
CA THR B 249 7.75 6.53 3.20
C THR B 249 9.26 6.21 3.25
N CYS B 250 9.64 5.15 3.98
CA CYS B 250 11.05 4.77 4.03
C CYS B 250 11.43 3.96 2.83
N ASN B 251 10.47 3.45 2.07
CA ASN B 251 10.81 2.65 0.88
C ASN B 251 10.40 3.22 -0.45
N GLY B 252 10.07 4.51 -0.50
CA GLY B 252 9.74 5.13 -1.77
C GLY B 252 8.48 4.59 -2.42
N THR B 253 7.52 4.20 -1.60
CA THR B 253 6.25 3.68 -2.08
C THR B 253 5.22 4.77 -1.98
N TRP B 254 4.77 5.22 -3.14
CA TRP B 254 3.70 6.21 -3.20
C TRP B 254 2.32 5.55 -3.09
N ASP B 255 1.46 6.04 -2.20
CA ASP B 255 0.11 5.57 -2.13
C ASP B 255 -0.71 6.83 -1.91
N PRO B 256 -1.53 7.21 -2.90
CA PRO B 256 -2.32 8.46 -2.80
C PRO B 256 -3.46 8.44 -1.79
N THR B 257 -3.70 7.32 -1.14
CA THR B 257 -4.80 7.21 -0.19
C THR B 257 -4.77 8.25 0.90
N GLU B 258 -3.71 8.25 1.67
CA GLU B 258 -3.51 9.14 2.80
C GLU B 258 -2.45 10.20 2.56
N SER B 259 -1.40 9.85 1.83
CA SER B 259 -0.35 10.77 1.54
C SER B 259 -0.79 11.83 0.55
N LEU B 260 -0.92 13.06 1.00
CA LEU B 260 -1.31 14.16 0.15
C LEU B 260 -0.09 14.92 -0.40
N ILE B 261 0.78 15.39 0.48
CA ILE B 261 1.98 16.11 0.08
C ILE B 261 3.14 15.39 0.75
N GLU B 262 3.92 14.73 -0.09
CA GLU B 262 5.03 13.94 0.35
C GLU B 262 6.20 14.25 -0.57
N ILE B 263 7.32 14.58 0.01
CA ILE B 263 8.53 14.89 -0.74
CA ILE B 263 8.54 14.91 -0.72
C ILE B 263 9.35 13.64 -0.98
N SER B 264 9.62 13.36 -2.25
CA SER B 264 10.40 12.21 -2.65
C SER B 264 11.88 12.49 -2.78
N PHE B 265 12.65 11.74 -2.01
CA PHE B 265 14.10 11.79 -2.09
C PHE B 265 14.53 10.47 -2.69
N TYR B 266 15.35 10.51 -3.72
CA TYR B 266 15.91 9.30 -4.27
C TYR B 266 17.06 9.60 -5.19
N SER B 267 18.18 8.92 -4.94
CA SER B 267 19.35 8.91 -5.82
C SER B 267 20.08 7.61 -5.58
N PRO B 268 20.65 7.00 -6.63
CA PRO B 268 21.43 5.80 -6.42
C PRO B 268 22.80 6.14 -5.82
N THR B 269 23.23 7.40 -6.00
CA THR B 269 24.53 7.88 -5.55
C THR B 269 24.44 9.22 -4.82
N VAL B 270 25.47 9.54 -4.03
CA VAL B 270 25.55 10.81 -3.32
C VAL B 270 26.88 11.51 -3.67
N SER B 271 27.36 11.36 -4.89
CA SER B 271 28.64 11.98 -5.29
C SER B 271 28.53 13.36 -5.99
N GLY B 272 27.31 13.79 -6.34
CA GLY B 272 27.12 15.08 -7.03
C GLY B 272 26.92 16.28 -6.12
N ASN B 273 26.64 17.43 -6.70
CA ASN B 273 26.38 18.62 -5.90
C ASN B 273 24.89 18.82 -5.73
N SER B 274 24.08 18.20 -6.59
CA SER B 274 22.65 18.40 -6.54
C SER B 274 21.86 17.09 -6.44
N ASP B 275 22.40 16.05 -5.78
CA ASP B 275 21.67 14.77 -5.67
C ASP B 275 20.44 14.95 -4.79
N PRO B 276 19.26 14.48 -5.24
CA PRO B 276 18.05 14.71 -4.42
C PRO B 276 17.89 13.67 -3.29
N VAL B 277 18.82 13.74 -2.35
CA VAL B 277 18.81 12.91 -1.15
C VAL B 277 18.59 13.87 0.03
N GLY B 278 18.05 13.37 1.12
CA GLY B 278 17.78 14.20 2.27
C GLY B 278 18.36 13.60 3.54
N ARG B 279 17.98 14.19 4.68
CA ARG B 279 18.46 13.71 5.97
C ARG B 279 17.42 12.96 6.81
N ILE B 280 16.33 12.56 6.16
CA ILE B 280 15.24 11.89 6.87
C ILE B 280 15.72 10.48 7.25
N GLY B 281 15.45 10.10 8.50
CA GLY B 281 15.91 8.84 9.06
C GLY B 281 17.41 8.84 9.40
N LYS B 282 18.08 9.97 9.20
CA LYS B 282 19.51 10.08 9.52
C LYS B 282 19.61 11.01 10.74
N TRP B 283 19.39 12.30 10.52
CA TRP B 283 19.50 13.31 11.56
C TRP B 283 18.33 13.16 12.55
N ASN B 284 17.18 12.69 12.04
CA ASN B 284 16.03 12.40 12.90
C ASN B 284 15.69 10.91 12.96
N GLY B 285 16.69 10.07 12.71
CA GLY B 285 16.47 8.66 12.76
C GLY B 285 16.60 8.07 14.15
N VAL B 286 16.70 6.75 14.15
CA VAL B 286 17.03 5.96 15.32
C VAL B 286 18.57 5.93 15.34
N LYS B 287 19.17 6.12 16.52
CA LYS B 287 20.63 6.11 16.63
C LYS B 287 21.15 4.75 16.15
N THR B 288 22.05 4.79 15.18
CA THR B 288 22.56 3.59 14.52
C THR B 288 24.02 3.71 14.21
N THR B 289 24.79 2.68 14.56
CA THR B 289 26.23 2.68 14.26
C THR B 289 26.48 2.36 12.79
N ALA B 290 27.56 2.91 12.26
CA ALA B 290 27.99 2.67 10.90
C ALA B 290 28.75 1.39 10.91
N ILE B 291 28.47 0.56 9.91
CA ILE B 291 29.21 -0.69 9.73
C ILE B 291 29.92 -0.58 8.39
N ALA B 292 31.25 -0.57 8.42
CA ALA B 292 32.05 -0.49 7.20
C ALA B 292 31.53 -1.51 6.20
N GLY B 293 31.15 -1.02 5.02
CA GLY B 293 30.70 -1.90 3.92
C GLY B 293 29.26 -2.38 3.96
N VAL B 294 28.53 -2.07 5.03
CA VAL B 294 27.15 -2.55 5.18
C VAL B 294 26.11 -1.47 5.37
N ARG B 295 26.36 -0.50 6.27
CA ARG B 295 25.39 0.57 6.49
C ARG B 295 26.03 1.81 7.02
N GLY B 296 25.31 2.91 6.84
CA GLY B 296 25.81 4.14 7.33
C GLY B 296 25.25 4.35 8.71
N SER B 297 25.90 5.21 9.46
CA SER B 297 25.43 5.58 10.76
C SER B 297 24.29 6.60 10.60
N CYS B 298 23.47 6.73 11.65
CA CYS B 298 22.41 7.74 11.75
C CYS B 298 22.70 8.52 13.03
N ALA B 299 22.82 9.84 12.88
CA ALA B 299 23.17 10.73 14.00
C ALA B 299 22.09 10.78 15.07
N ALA B 300 20.83 10.76 14.65
CA ALA B 300 19.70 10.69 15.57
C ALA B 300 19.72 11.81 16.62
N ASN B 301 19.78 13.05 16.15
CA ASN B 301 19.85 14.21 17.02
C ASN B 301 18.53 14.73 17.47
N VAL B 302 17.44 14.19 16.93
CA VAL B 302 16.09 14.62 17.40
C VAL B 302 15.76 13.72 18.58
N LYS B 303 15.56 14.32 19.75
CA LYS B 303 15.24 13.58 20.96
C LYS B 303 13.84 13.84 21.43
N VAL B 304 13.24 12.83 22.05
CA VAL B 304 11.86 12.92 22.54
C VAL B 304 11.80 13.47 23.97
N VAL B 305 11.02 14.51 24.18
CA VAL B 305 10.82 15.07 25.53
C VAL B 305 10.10 13.97 26.38
N HIS B 306 10.71 13.56 27.49
CA HIS B 306 10.20 12.39 28.22
C HIS B 306 8.82 12.54 28.81
N THR B 307 8.43 13.76 29.19
CA THR B 307 7.09 14.00 29.68
C THR B 307 6.01 13.67 28.64
N PHE B 308 6.35 13.76 27.36
CA PHE B 308 5.42 13.37 26.29
C PHE B 308 5.24 11.86 26.33
N VAL B 309 6.37 11.15 26.45
CA VAL B 309 6.34 9.70 26.59
C VAL B 309 5.50 9.35 27.82
N LEU B 310 5.73 9.99 28.96
CA LEU B 310 4.94 9.63 30.16
C LEU B 310 3.42 9.81 29.94
N ASP B 311 3.04 10.94 29.35
CA ASP B 311 1.62 11.18 29.05
C ASP B 311 1.07 10.08 28.15
N TRP B 312 1.81 9.77 27.10
CA TRP B 312 1.33 8.83 26.10
C TRP B 312 1.23 7.43 26.64
N ARG B 313 2.13 7.06 27.55
CA ARG B 313 2.11 5.73 28.14
C ARG B 313 0.86 5.42 28.92
N GLU B 314 0.12 6.43 29.34
CA GLU B 314 -1.17 6.21 30.04
C GLU B 314 -2.24 5.60 29.11
N ASP B 315 -2.15 5.89 27.81
CA ASP B 315 -3.10 5.35 26.82
C ASP B 315 -2.48 4.07 26.27
N VAL B 316 -2.49 3.02 27.08
CA VAL B 316 -1.79 1.77 26.74
CA VAL B 316 -1.79 1.78 26.74
C VAL B 316 -2.10 1.21 25.36
N SER B 317 -3.38 1.17 24.98
CA SER B 317 -3.78 0.55 23.71
C SER B 317 -3.53 1.37 22.46
N ASP B 318 -3.04 2.59 22.61
CA ASP B 318 -2.69 3.43 21.46
C ASP B 318 -1.42 2.84 20.81
N ILE B 319 -1.58 2.23 19.62
CA ILE B 319 -0.47 1.57 18.92
C ILE B 319 0.51 2.55 18.23
N ARG B 320 0.12 3.82 18.13
CA ARG B 320 0.98 4.82 17.50
C ARG B 320 2.20 5.08 18.37
N ARG B 321 2.05 4.90 19.69
CA ARG B 321 3.14 5.26 20.62
C ARG B 321 4.44 4.53 20.29
N ASP B 322 4.40 3.21 20.28
CA ASP B 322 5.58 2.42 19.98
C ASP B 322 6.03 2.57 18.53
N LEU B 323 5.11 2.89 17.63
CA LEU B 323 5.50 3.14 16.25
C LEU B 323 6.12 4.53 16.08
N SER B 324 5.90 5.44 17.02
CA SER B 324 6.35 6.83 16.91
C SER B 324 7.63 7.16 17.64
N ILE B 325 7.86 6.49 18.77
CA ILE B 325 9.00 6.78 19.65
C ILE B 325 9.84 5.53 19.82
N ALA B 326 11.16 5.67 19.65
CA ALA B 326 12.10 4.60 19.83
C ALA B 326 12.80 4.77 21.16
N ASN B 327 12.62 3.76 22.02
CA ASN B 327 13.34 3.68 23.31
C ASN B 327 14.63 2.85 23.16
N TYR B 328 15.05 2.66 21.91
CA TYR B 328 16.16 1.79 21.56
C TYR B 328 17.08 2.43 20.53
N GLN B 329 18.28 1.83 20.39
CA GLN B 329 19.24 2.25 19.41
C GLN B 329 19.81 0.97 18.80
N TYR B 330 20.56 1.13 17.73
CA TYR B 330 21.26 0.00 17.11
C TYR B 330 22.78 0.13 17.20
N THR B 331 23.42 -0.86 17.81
CA THR B 331 24.88 -0.93 17.94
C THR B 331 25.40 -1.75 16.75
N ASP B 332 26.72 -1.94 16.65
CA ASP B 332 27.29 -2.74 15.56
C ASP B 332 26.65 -4.11 15.49
N THR B 333 26.29 -4.69 16.63
CA THR B 333 25.71 -6.02 16.63
C THR B 333 24.26 -6.16 17.09
N LYS B 334 23.62 -5.12 17.61
CA LYS B 334 22.28 -5.34 18.20
C LYS B 334 21.38 -4.11 18.43
N LYS B 335 20.08 -4.40 18.60
CA LYS B 335 19.06 -3.44 19.01
C LYS B 335 19.12 -3.48 20.54
N SER B 336 19.38 -2.33 21.13
CA SER B 336 19.60 -2.20 22.55
C SER B 336 18.78 -1.04 23.11
N LEU B 337 18.19 -1.24 24.29
CA LEU B 337 17.45 -0.17 24.91
C LEU B 337 18.39 0.94 25.37
N TRP B 338 17.92 2.17 25.23
CA TRP B 338 18.70 3.33 25.68
C TRP B 338 19.11 3.25 27.15
N VAL B 339 18.23 2.72 27.99
CA VAL B 339 18.46 2.62 29.41
C VAL B 339 19.43 1.51 29.79
N ALA B 340 19.77 0.65 28.83
CA ALA B 340 20.62 -0.51 29.14
C ALA B 340 22.09 -0.16 29.31
N GLY B 341 22.66 -0.49 30.46
CA GLY B 341 24.08 -0.37 30.70
C GLY B 341 24.72 -1.74 30.45
N ALA B 342 26.04 -1.80 30.50
CA ALA B 342 26.81 -3.02 30.26
C ALA B 342 26.34 -4.25 31.05
N SER B 343 26.06 -4.05 32.33
CA SER B 343 25.65 -5.15 33.18
C SER B 343 24.17 -5.42 33.14
N ASP B 344 23.40 -4.64 32.38
CA ASP B 344 21.97 -4.90 32.30
C ASP B 344 21.75 -6.12 31.43
N THR B 345 20.58 -6.71 31.63
CA THR B 345 20.14 -7.85 30.89
C THR B 345 18.91 -7.32 30.24
N ASP B 346 18.28 -8.10 29.38
CA ASP B 346 17.10 -7.61 28.71
C ASP B 346 16.00 -7.39 29.73
N GLU B 347 16.00 -8.25 30.74
CA GLU B 347 15.04 -8.20 31.83
C GLU B 347 15.21 -6.93 32.67
N SER B 348 16.43 -6.67 33.13
CA SER B 348 16.70 -5.51 33.97
C SER B 348 16.54 -4.18 33.20
N ALA B 349 16.92 -4.16 31.92
CA ALA B 349 16.73 -2.97 31.07
C ALA B 349 15.25 -2.62 30.89
N ALA B 350 14.42 -3.64 30.71
CA ALA B 350 12.98 -3.43 30.51
C ALA B 350 12.33 -2.87 31.76
N GLU B 351 12.75 -3.35 32.91
CA GLU B 351 12.24 -2.89 34.19
C GLU B 351 12.60 -1.41 34.36
N LYS B 352 13.85 -1.07 34.09
CA LYS B 352 14.30 0.33 34.18
C LYS B 352 13.51 1.21 33.21
N ASP B 353 13.26 0.69 32.02
CA ASP B 353 12.57 1.50 31.03
C ASP B 353 11.14 1.82 31.43
N ALA B 354 10.44 0.85 32.03
CA ALA B 354 9.04 1.05 32.42
C ALA B 354 8.82 1.99 33.62
N ASP B 355 9.82 2.05 34.50
CA ASP B 355 9.70 2.83 35.71
C ASP B 355 10.16 4.25 35.45
N PRO B 356 9.26 5.25 35.57
CA PRO B 356 9.60 6.64 35.31
C PRO B 356 10.67 7.26 36.22
N THR B 357 10.95 6.63 37.35
CA THR B 357 11.97 7.11 38.27
C THR B 357 13.36 6.52 37.95
N LYS B 358 13.44 5.55 37.02
CA LYS B 358 14.71 4.85 36.71
C LYS B 358 15.35 5.23 35.39
N ALA B 359 16.69 5.20 35.35
CA ALA B 359 17.46 5.42 34.14
C ALA B 359 17.05 6.70 33.41
N GLN B 360 16.77 7.74 34.17
CA GLN B 360 16.22 8.95 33.59
C GLN B 360 17.15 9.65 32.62
N LYS B 361 18.45 9.68 32.94
CA LYS B 361 19.41 10.35 32.06
C LYS B 361 19.35 9.78 30.65
N ASN B 362 19.44 8.46 30.51
CA ASN B 362 19.39 7.85 29.15
C ASN B 362 18.06 7.90 28.45
N LYS B 363 16.97 8.02 29.21
CA LYS B 363 15.64 8.15 28.62
C LYS B 363 15.53 9.44 27.76
N GLN B 364 16.38 10.41 28.07
CA GLN B 364 16.39 11.68 27.34
C GLN B 364 16.92 11.52 25.93
N ASN B 365 17.51 10.34 25.65
CA ASN B 365 18.04 10.01 24.32
C ASN B 365 17.12 9.25 23.37
N TYR B 366 15.88 8.98 23.79
CA TYR B 366 14.88 8.39 22.89
C TYR B 366 14.78 9.30 21.65
N THR B 367 14.41 8.68 20.54
CA THR B 367 14.29 9.35 19.27
C THR B 367 12.95 9.00 18.62
N PRO B 368 12.60 9.69 17.54
CA PRO B 368 11.45 9.22 16.80
C PRO B 368 11.79 7.84 16.23
N ALA B 369 10.75 7.01 16.02
CA ALA B 369 10.91 5.67 15.43
C ALA B 369 10.31 5.60 14.01
N LYS B 370 9.62 6.66 13.61
CA LYS B 370 8.95 6.67 12.30
C LYS B 370 9.89 6.48 11.11
N TRP B 371 11.17 6.86 11.24
CA TRP B 371 12.10 6.77 10.11
C TRP B 371 13.28 5.89 10.50
N ASP B 372 12.94 4.79 11.17
CA ASP B 372 13.90 3.78 11.58
C ASP B 372 14.29 3.02 10.31
N ILE B 373 15.45 3.35 9.76
CA ILE B 373 15.92 2.80 8.48
C ILE B 373 16.22 1.32 8.61
N GLN B 374 16.88 0.95 9.70
CA GLN B 374 17.17 -0.45 9.99
C GLN B 374 15.91 -1.30 10.00
N LYS B 375 14.84 -0.82 10.62
CA LYS B 375 13.54 -1.53 10.67
C LYS B 375 12.79 -1.60 9.36
N TYR B 376 12.74 -0.48 8.65
CA TYR B 376 11.92 -0.36 7.45
C TYR B 376 12.53 -0.57 6.07
N VAL B 377 13.79 -0.18 5.86
CA VAL B 377 14.34 -0.15 4.52
C VAL B 377 14.75 -1.53 4.10
N THR B 378 14.08 -2.04 3.07
CA THR B 378 14.35 -3.41 2.63
C THR B 378 15.40 -3.52 1.52
N THR B 379 15.83 -2.43 0.90
CA THR B 379 16.81 -2.51 -0.20
C THR B 379 18.19 -1.90 0.08
N ASN B 380 19.11 -2.17 -0.84
CA ASN B 380 20.50 -1.68 -0.81
C ASN B 380 20.74 -0.56 -1.79
N SER B 381 21.22 0.57 -1.27
CA SER B 381 21.56 1.69 -2.14
C SER B 381 22.93 2.18 -1.67
N PHE B 382 23.12 3.48 -1.62
CA PHE B 382 24.39 4.01 -1.17
C PHE B 382 24.52 3.90 0.35
N ILE B 383 25.76 3.92 0.82
CA ILE B 383 26.04 3.91 2.25
C ILE B 383 26.52 5.29 2.54
N ASN B 384 25.81 5.99 3.42
CA ASN B 384 26.17 7.34 3.76
C ASN B 384 25.77 7.53 5.22
N ASN B 385 26.54 8.31 5.94
CA ASN B 385 26.27 8.57 7.35
C ASN B 385 25.39 9.79 7.59
N ASP B 386 25.06 10.51 6.53
CA ASP B 386 24.33 11.75 6.62
C ASP B 386 23.04 11.82 5.77
N LYS B 387 22.98 11.10 4.66
CA LYS B 387 21.86 11.21 3.73
C LYS B 387 21.19 9.88 3.49
N SER B 388 19.98 9.95 2.95
CA SER B 388 19.15 8.78 2.68
C SER B 388 18.16 9.05 1.55
N ASN B 389 17.44 7.99 1.18
CA ASN B 389 16.34 8.06 0.23
C ASN B 389 15.01 7.98 0.96
N VAL B 390 14.99 8.23 2.25
CA VAL B 390 13.70 8.32 2.99
C VAL B 390 12.94 9.60 2.64
N ASN B 391 11.63 9.46 2.42
CA ASN B 391 10.75 10.55 2.03
C ASN B 391 10.23 11.38 3.20
N TRP B 392 9.53 12.47 2.90
CA TRP B 392 9.02 13.34 3.96
C TRP B 392 7.53 13.65 3.77
N TYR B 393 6.68 13.25 4.72
CA TYR B 393 5.27 13.61 4.67
C TYR B 393 5.13 15.05 5.17
N PHE B 394 4.78 15.96 4.27
CA PHE B 394 4.41 17.29 4.66
C PHE B 394 2.92 17.33 5.06
N LEU B 395 2.07 16.56 4.40
CA LEU B 395 0.63 16.56 4.72
C LEU B 395 -0.01 15.22 4.44
N ARG B 396 -0.61 14.66 5.47
CA ARG B 396 -1.35 13.40 5.41
C ARG B 396 -2.83 13.64 5.65
N TYR B 397 -3.67 12.74 5.16
CA TYR B 397 -5.11 12.89 5.35
C TYR B 397 -5.50 12.93 6.83
N ALA B 398 -4.77 12.22 7.71
CA ALA B 398 -5.08 12.22 9.17
C ALA B 398 -4.97 13.63 9.73
N ASP B 399 -4.00 14.36 9.22
CA ASP B 399 -3.80 15.78 9.60
C ASP B 399 -5.03 16.59 9.21
N VAL B 400 -5.52 16.37 7.98
CA VAL B 400 -6.71 17.05 7.50
C VAL B 400 -7.96 16.67 8.32
N LEU B 401 -8.14 15.40 8.63
CA LEU B 401 -9.27 15.02 9.53
C LEU B 401 -9.24 15.76 10.87
N LEU B 402 -8.05 15.88 11.45
CA LEU B 402 -7.87 16.59 12.70
C LEU B 402 -8.14 18.07 12.55
N LEU B 403 -7.71 18.65 11.43
CA LEU B 403 -7.96 20.06 11.18
C LEU B 403 -9.45 20.30 11.02
N TYR B 404 -10.13 19.37 10.36
CA TYR B 404 -11.57 19.43 10.21
C TYR B 404 -12.26 19.46 11.56
N ALA B 405 -11.89 18.53 12.43
CA ALA B 405 -12.43 18.47 13.78
C ALA B 405 -12.16 19.77 14.53
N GLU B 406 -10.90 20.23 14.48
CA GLU B 406 -10.51 21.47 15.16
C GLU B 406 -11.31 22.65 14.66
N ALA B 407 -11.36 22.81 13.32
CA ALA B 407 -12.05 23.96 12.69
C ALA B 407 -13.52 23.97 12.98
N LEU B 408 -14.16 22.80 12.88
CA LEU B 408 -15.60 22.71 13.18
C LEU B 408 -15.88 23.15 14.61
N ASN B 409 -15.05 22.71 15.53
CA ASN B 409 -15.21 23.05 16.95
C ASN B 409 -15.04 24.55 17.22
N GLU B 410 -14.09 25.17 16.54
CA GLU B 410 -13.85 26.60 16.69
C GLU B 410 -14.98 27.39 16.10
N TRP B 411 -15.37 27.01 14.89
CA TRP B 411 -16.48 27.69 14.18
C TRP B 411 -17.83 27.58 14.88
N LYS B 412 -18.19 26.36 15.23
CA LYS B 412 -19.47 26.09 15.85
C LYS B 412 -19.49 26.28 17.36
N HIS B 413 -18.34 26.54 17.98
CA HIS B 413 -18.25 26.70 19.44
C HIS B 413 -18.71 25.43 20.18
N GLY B 414 -18.14 24.32 19.78
CA GLY B 414 -18.50 23.04 20.37
C GLY B 414 -18.45 22.01 19.26
N PRO B 415 -18.18 20.75 19.60
CA PRO B 415 -18.11 19.70 18.60
C PRO B 415 -19.47 19.15 18.14
N ASP B 416 -19.58 18.86 16.86
CA ASP B 416 -20.79 18.23 16.30
C ASP B 416 -20.41 16.83 15.81
N ALA B 417 -21.36 16.12 15.21
CA ALA B 417 -21.15 14.73 14.79
C ALA B 417 -19.98 14.60 13.83
N GLU B 418 -19.87 15.54 12.90
CA GLU B 418 -18.82 15.51 11.91
C GLU B 418 -17.44 15.71 12.55
N ALA B 419 -17.38 16.62 13.50
CA ALA B 419 -16.14 16.83 14.25
C ALA B 419 -15.72 15.54 14.99
N TYR B 420 -16.67 14.94 15.72
CA TYR B 420 -16.41 13.67 16.40
C TYR B 420 -16.01 12.54 15.45
N ASN B 421 -16.74 12.40 14.35
CA ASN B 421 -16.44 11.37 13.38
C ASN B 421 -15.04 11.50 12.80
N ALA B 422 -14.61 12.74 12.55
CA ALA B 422 -13.28 12.97 12.00
C ALA B 422 -12.17 12.58 13.00
N ILE B 423 -12.27 13.05 14.24
CA ILE B 423 -11.23 12.70 15.23
C ILE B 423 -11.28 11.22 15.61
N ASN B 424 -12.47 10.65 15.71
CA ASN B 424 -12.59 9.21 16.03
C ASN B 424 -12.10 8.30 14.90
N ALA B 425 -12.16 8.76 13.65
CA ALA B 425 -11.55 7.96 12.56
C ALA B 425 -10.06 7.80 12.80
N VAL B 426 -9.43 8.91 13.19
CA VAL B 426 -8.01 8.92 13.48
C VAL B 426 -7.71 8.08 14.71
N ARG B 427 -8.50 8.23 15.78
CA ARG B 427 -8.29 7.43 17.00
C ARG B 427 -8.48 5.96 16.78
N ARG B 428 -9.51 5.60 16.03
CA ARG B 428 -9.75 4.18 15.74
C ARG B 428 -8.56 3.57 15.01
N ARG B 429 -8.07 4.24 13.99
CA ARG B 429 -6.92 3.72 13.25
C ARG B 429 -5.70 3.68 14.18
N GLY B 430 -5.58 4.67 15.05
CA GLY B 430 -4.47 4.75 15.99
C GLY B 430 -4.45 3.67 17.06
N TYR B 431 -5.61 3.03 17.28
CA TYR B 431 -5.74 1.97 18.24
C TYR B 431 -5.78 0.62 17.52
N GLY B 432 -5.40 0.61 16.24
CA GLY B 432 -5.39 -0.61 15.45
C GLY B 432 -6.77 -1.14 15.07
N ASN B 433 -7.75 -0.24 14.90
CA ASN B 433 -9.08 -0.59 14.43
C ASN B 433 -9.78 -1.63 15.33
N PRO B 434 -9.93 -1.31 16.63
CA PRO B 434 -10.57 -2.28 17.52
C PRO B 434 -12.05 -2.49 17.21
N SER B 435 -12.55 -3.69 17.51
CA SER B 435 -13.95 -4.04 17.32
CA SER B 435 -13.95 -4.01 17.29
C SER B 435 -14.81 -3.18 18.24
N ASN B 436 -14.39 -3.08 19.49
CA ASN B 436 -15.08 -2.23 20.46
C ASN B 436 -14.40 -0.85 20.48
N THR B 437 -15.09 0.16 20.00
CA THR B 437 -14.54 1.50 19.94
C THR B 437 -14.82 2.33 21.19
N SER B 438 -15.59 1.80 22.15
CA SER B 438 -15.88 2.52 23.39
CA SER B 438 -15.87 2.57 23.37
C SER B 438 -14.59 2.96 24.08
N ALA B 439 -13.55 2.14 23.95
CA ALA B 439 -12.26 2.43 24.58
C ALA B 439 -11.45 3.49 23.86
N CYS B 440 -11.34 3.42 22.53
CA CYS B 440 -10.53 4.40 21.81
C CYS B 440 -11.21 5.71 21.48
N ASP B 441 -12.52 5.70 21.29
CA ASP B 441 -13.20 6.91 20.87
C ASP B 441 -13.20 8.04 21.90
N LEU B 442 -13.09 9.25 21.39
CA LEU B 442 -13.25 10.40 22.23
CA LEU B 442 -13.29 10.43 22.21
C LEU B 442 -14.74 10.33 22.63
N PRO B 443 -15.01 10.47 23.92
CA PRO B 443 -16.37 10.35 24.36
C PRO B 443 -17.24 11.58 24.06
N GLN B 444 -18.51 11.29 23.86
CA GLN B 444 -19.52 12.33 23.76
C GLN B 444 -19.57 13.07 25.08
N GLY B 445 -20.02 14.31 25.05
CA GLY B 445 -20.17 15.08 26.28
C GLY B 445 -19.15 16.16 26.48
N LEU B 446 -18.20 16.28 25.56
CA LEU B 446 -17.20 17.34 25.65
C LEU B 446 -17.78 18.65 25.16
N ASP B 447 -17.21 19.77 25.63
CA ASP B 447 -17.67 21.06 25.17
C ASP B 447 -16.57 21.68 24.33
N GLU B 448 -16.75 22.93 23.94
CA GLU B 448 -15.76 23.58 23.11
C GLU B 448 -14.35 23.46 23.72
N THR B 449 -14.24 23.78 25.01
CA THR B 449 -12.95 23.86 25.67
C THR B 449 -12.31 22.48 25.74
N SER B 450 -13.05 21.49 26.24
CA SER B 450 -12.48 20.15 26.37
C SER B 450 -12.23 19.46 25.04
N PHE B 451 -13.08 19.73 24.03
CA PHE B 451 -12.82 19.16 22.70
C PHE B 451 -11.57 19.79 22.07
N ARG B 452 -11.42 21.11 22.24
CA ARG B 452 -10.23 21.80 21.75
C ARG B 452 -9.00 21.13 22.37
N GLU B 453 -9.00 20.93 23.69
CA GLU B 453 -7.86 20.28 24.34
C GLU B 453 -7.59 18.89 23.76
N ALA B 454 -8.66 18.11 23.54
CA ALA B 454 -8.51 16.76 22.97
C ALA B 454 -7.89 16.75 21.57
N VAL B 455 -8.34 17.66 20.70
CA VAL B 455 -7.82 17.68 19.34
CA VAL B 455 -7.82 17.72 19.33
C VAL B 455 -6.37 18.17 19.33
N ARG B 456 -6.06 19.17 20.15
CA ARG B 456 -4.70 19.67 20.22
C ARG B 456 -3.76 18.57 20.68
N LYS B 457 -4.20 17.76 21.65
CA LYS B 457 -3.43 16.63 22.09
C LYS B 457 -3.33 15.56 21.03
N GLU B 458 -4.45 15.28 20.36
CA GLU B 458 -4.46 14.25 19.32
C GLU B 458 -3.44 14.51 18.21
N ARG B 459 -3.25 15.77 17.85
CA ARG B 459 -2.26 16.09 16.82
C ARG B 459 -0.84 15.61 17.21
N SER B 460 -0.52 15.68 18.50
CA SER B 460 0.79 15.19 18.96
C SER B 460 0.83 13.68 18.81
N TYR B 461 -0.23 12.98 19.20
CA TYR B 461 -0.23 11.52 19.09
C TYR B 461 -0.26 11.02 17.65
N GLU B 462 -0.92 11.76 16.78
CA GLU B 462 -1.00 11.34 15.40
C GLU B 462 0.22 11.77 14.58
N LEU B 463 0.68 13.00 14.83
CA LEU B 463 1.67 13.63 13.94
C LEU B 463 3.03 13.85 14.54
N SER B 464 3.33 13.29 15.71
CA SER B 464 4.59 13.55 16.39
C SER B 464 5.79 13.48 15.46
N PHE B 465 6.65 14.51 15.55
CA PHE B 465 7.93 14.52 14.82
C PHE B 465 7.87 14.79 13.31
N GLU B 466 6.66 14.92 12.78
CA GLU B 466 6.45 15.19 11.37
C GLU B 466 6.51 16.68 11.03
N GLY B 467 6.83 17.54 11.99
CA GLY B 467 7.14 18.94 11.66
C GLY B 467 6.06 19.94 11.87
N HIS B 468 5.02 19.54 12.59
CA HIS B 468 3.87 20.43 12.82
C HIS B 468 3.74 21.00 14.20
N ARG B 469 4.38 20.39 15.18
CA ARG B 469 4.10 20.78 16.57
C ARG B 469 4.39 22.22 16.88
N ARG B 470 5.56 22.65 16.49
CA ARG B 470 5.97 24.02 16.78
C ARG B 470 5.10 25.06 16.09
N GLN B 471 4.80 24.86 14.81
CA GLN B 471 3.91 25.78 14.11
C GLN B 471 2.47 25.74 14.66
N ASP B 472 2.04 24.57 15.17
CA ASP B 472 0.74 24.40 15.81
C ASP B 472 0.71 25.19 17.10
N LEU B 473 1.73 25.00 17.96
CA LEU B 473 1.78 25.79 19.22
C LEU B 473 1.77 27.28 18.96
N ILE B 474 2.47 27.70 17.92
CA ILE B 474 2.50 29.11 17.51
C ILE B 474 1.13 29.59 17.04
N ARG B 475 0.46 28.87 16.14
CA ARG B 475 -0.87 29.34 15.69
C ARG B 475 -1.91 29.30 16.81
N TRP B 476 -1.70 28.45 17.81
CA TRP B 476 -2.55 28.43 19.02
C TRP B 476 -2.22 29.55 20.01
N GLY B 477 -1.07 30.22 19.82
CA GLY B 477 -0.64 31.31 20.71
C GLY B 477 -0.07 30.84 22.03
N ILE B 478 0.36 29.58 22.07
CA ILE B 478 0.84 28.97 23.33
C ILE B 478 2.29 28.45 23.23
N TYR B 479 3.08 28.97 22.31
CA TYR B 479 4.44 28.43 22.14
C TYR B 479 5.30 28.67 23.38
N TYR B 480 5.47 29.94 23.77
CA TYR B 480 6.23 30.27 24.98
C TYR B 480 5.65 29.55 26.21
N LYS B 481 4.33 29.65 26.40
CA LYS B 481 3.64 29.01 27.52
C LYS B 481 3.98 27.51 27.58
N THR B 482 3.99 26.87 26.42
CA THR B 482 4.26 25.43 26.34
C THR B 482 5.70 25.05 26.65
N VAL B 483 6.64 25.86 26.19
CA VAL B 483 8.06 25.64 26.48
C VAL B 483 8.25 25.82 27.98
N GLN B 484 7.67 26.87 28.55
CA GLN B 484 7.76 27.10 29.99
C GLN B 484 7.17 25.93 30.80
N ALA B 485 5.99 25.48 30.40
CA ALA B 485 5.32 24.41 31.12
C ALA B 485 6.07 23.09 31.01
N THR B 486 6.66 22.84 29.86
CA THR B 486 7.42 21.63 29.62
C THR B 486 8.64 21.60 30.55
N ALA B 487 9.33 22.74 30.64
CA ALA B 487 10.46 22.86 31.55
C ALA B 487 10.04 22.45 32.97
N LYS B 488 8.90 22.97 33.42
CA LYS B 488 8.37 22.67 34.75
C LYS B 488 8.08 21.20 34.94
N GLU B 489 7.36 20.64 33.95
CA GLU B 489 7.00 19.23 33.99
C GLU B 489 8.20 18.28 34.00
N LEU B 490 9.20 18.60 33.20
CA LEU B 490 10.45 17.81 33.18
C LEU B 490 11.14 17.89 34.53
N GLY B 491 11.09 19.08 35.16
CA GLY B 491 11.67 19.27 36.50
C GLY B 491 10.97 18.40 37.53
N TYR B 492 9.63 18.29 37.44
CA TYR B 492 8.89 17.46 38.39
C TYR B 492 9.31 16.01 38.22
N TRP B 493 9.42 15.58 36.97
CA TRP B 493 9.80 14.21 36.66
C TRP B 493 11.20 13.81 37.15
N TRP B 494 12.17 14.70 36.93
CA TRP B 494 13.58 14.45 37.23
C TRP B 494 13.85 14.25 38.70
N GLU B 495 14.52 13.14 39.04
CA GLU B 495 14.84 12.86 40.43
C GLU B 495 16.34 12.85 40.67
N GLY B 496 17.13 13.03 39.64
CA GLY B 496 18.58 13.01 39.81
C GLY B 496 19.10 14.34 40.27
N THR B 497 20.42 14.40 40.36
CA THR B 497 21.11 15.61 40.70
C THR B 497 21.01 16.47 39.45
N GLY B 498 21.20 17.76 39.62
CA GLY B 498 21.16 18.65 38.49
C GLY B 498 19.77 18.77 37.90
N SER B 499 19.74 19.11 36.63
CA SER B 499 18.49 19.31 35.93
CA SER B 499 18.52 19.36 35.91
C SER B 499 18.38 18.45 34.69
N PRO B 500 17.14 18.18 34.28
CA PRO B 500 17.03 17.43 33.05
C PRO B 500 17.38 18.34 31.87
N ASN B 501 17.70 17.75 30.73
CA ASN B 501 18.00 18.51 29.52
C ASN B 501 16.76 19.18 28.95
N TYR B 502 16.80 20.50 28.84
CA TYR B 502 15.73 21.22 28.13
C TYR B 502 16.22 22.64 27.86
N SER B 503 17.31 22.68 27.10
CA SER B 503 18.04 23.91 26.79
C SER B 503 17.19 25.00 26.16
N VAL B 504 16.23 24.61 25.34
CA VAL B 504 15.37 25.53 24.65
C VAL B 504 14.65 26.48 25.63
N ALA B 505 14.32 26.01 26.84
CA ALA B 505 13.66 26.91 27.83
C ALA B 505 14.59 27.99 28.31
N THR B 506 15.90 27.78 28.28
CA THR B 506 16.83 28.81 28.73
C THR B 506 16.78 30.08 27.86
N TYR B 507 16.52 29.90 26.57
CA TYR B 507 16.59 30.98 25.60
C TYR B 507 15.28 31.47 24.97
N THR B 508 14.24 30.65 24.99
CA THR B 508 12.99 31.00 24.31
C THR B 508 12.37 32.22 24.95
N GLU B 509 12.13 33.23 24.14
CA GLU B 509 11.63 34.51 24.58
C GLU B 509 10.25 34.76 24.01
N GLU B 510 9.35 35.09 24.91
CA GLU B 510 7.98 35.35 24.53
C GLU B 510 7.95 36.61 23.68
N GLY B 511 7.21 36.56 22.60
CA GLY B 511 7.12 37.71 21.69
C GLY B 511 8.32 37.81 20.72
N LYS B 512 9.23 36.84 20.79
CA LYS B 512 10.36 36.76 19.88
C LYS B 512 10.28 35.54 19.01
N HIS B 513 10.39 34.37 19.64
CA HIS B 513 10.54 33.10 18.93
C HIS B 513 9.30 32.52 18.29
N GLU B 514 8.19 33.27 18.24
CA GLU B 514 7.05 32.80 17.46
C GLU B 514 7.32 33.04 15.96
N LEU B 515 8.40 33.76 15.65
CA LEU B 515 8.83 33.98 14.28
C LEU B 515 10.31 33.84 14.20
N PHE B 516 10.80 33.40 13.04
CA PHE B 516 12.22 33.52 12.73
C PHE B 516 12.54 34.98 12.33
N PRO B 517 13.79 35.42 12.47
CA PRO B 517 14.15 36.75 12.00
C PRO B 517 14.19 36.83 10.49
N ILE B 518 13.95 38.03 9.96
CA ILE B 518 14.21 38.33 8.58
C ILE B 518 15.77 38.20 8.53
N PRO B 519 16.32 37.47 7.57
CA PRO B 519 17.78 37.31 7.55
C PRO B 519 18.53 38.64 7.51
N GLN B 520 19.57 38.76 8.30
CA GLN B 520 20.36 39.99 8.37
C GLN B 520 20.88 40.43 7.01
N ARG B 521 21.28 39.49 6.18
CA ARG B 521 21.78 39.85 4.85
C ARG B 521 20.71 40.63 4.08
N ASP B 522 19.48 40.12 4.13
CA ASP B 522 18.34 40.76 3.45
C ASP B 522 17.93 42.08 4.10
N MSE B 523 18.00 42.15 5.42
CA MSE B 523 17.78 43.42 6.12
C MSE B 523 18.78 44.48 5.62
O MSE B 523 18.41 45.63 5.34
CB MSE B 523 17.98 43.27 7.62
CG MSE B 523 16.99 42.42 8.36
SE MSE B 523 15.17 43.19 8.31
CE MSE B 523 15.52 44.95 8.95
N ASP B 524 20.06 44.08 5.53
CA ASP B 524 21.13 44.96 5.07
C ASP B 524 20.98 45.41 3.61
N LEU B 525 20.40 44.59 2.75
CA LEU B 525 20.20 44.94 1.35
C LEU B 525 18.91 45.69 1.05
N CYS B 526 17.91 45.63 1.94
CA CYS B 526 16.55 46.17 1.67
C CYS B 526 16.20 47.24 2.71
N ILE B 527 16.48 48.47 2.36
CA ILE B 527 16.34 49.59 3.26
C ILE B 527 14.92 49.81 3.83
N GLN B 528 13.89 49.30 3.15
CA GLN B 528 12.50 49.47 3.63
C GLN B 528 12.04 48.38 4.60
N PHE B 529 12.85 47.36 4.81
CA PHE B 529 12.44 46.30 5.69
C PHE B 529 12.48 46.71 7.17
N ASN B 530 11.60 46.04 7.92
CA ASN B 530 11.59 46.08 9.36
C ASN B 530 11.85 44.68 9.85
N GLN B 531 12.68 44.58 10.89
CA GLN B 531 12.98 43.30 11.50
C GLN B 531 11.75 42.88 12.33
N ASN B 532 11.60 41.59 12.53
CA ASN B 532 10.50 41.05 13.32
C ASN B 532 10.59 41.43 14.80
N PRO B 533 9.48 41.36 15.53
CA PRO B 533 9.50 41.76 16.95
C PRO B 533 10.56 41.05 17.77
N LYS B 534 11.32 41.83 18.51
CA LYS B 534 12.37 41.35 19.43
C LYS B 534 13.62 40.72 18.81
N TRP B 535 13.69 40.75 17.50
CA TRP B 535 14.86 40.26 16.79
C TRP B 535 15.81 41.40 16.44
CL CL C . -4.44 -15.60 -14.58
CL CL D . -20.30 -28.65 10.16
NA NA E . 5.01 -3.03 -34.87
NA NA F . -18.96 -12.66 -0.59
C1 EDO G . -12.95 -8.47 -25.59
O1 EDO G . -12.59 -8.64 -26.99
C2 EDO G . -12.79 -7.05 -25.11
O2 EDO G . -13.47 -6.13 -25.96
C1 EDO H . -0.38 -43.08 -7.03
O1 EDO H . 0.70 -44.00 -7.14
C2 EDO H . 0.13 -41.76 -7.54
O2 EDO H . 1.03 -41.27 -6.56
C1 EDO I . 9.54 -21.68 8.98
O1 EDO I . 8.51 -20.72 9.12
C2 EDO I . 10.01 -21.69 7.56
O2 EDO I . 11.05 -20.72 7.36
C1 EDO J . 12.38 -18.80 10.63
O1 EDO J . 11.68 -19.16 9.43
C2 EDO J . 11.40 -18.49 11.74
O2 EDO J . 10.43 -19.53 11.80
C1 EDO K . 3.87 -20.10 13.36
O1 EDO K . 3.76 -20.26 11.95
C2 EDO K . 2.49 -19.82 13.93
O2 EDO K . 1.86 -18.73 13.25
C1 EDO L . -19.58 -5.64 -3.36
O1 EDO L . -18.67 -6.56 -2.75
C2 EDO L . -19.05 -4.23 -3.25
O2 EDO L . -18.12 -4.15 -2.16
C1 EDO M . -13.50 -18.49 3.30
O1 EDO M . -14.35 -19.16 2.38
C2 EDO M . -12.40 -19.41 3.80
O2 EDO M . -11.72 -20.17 2.77
C1 EDO N . -12.02 -23.76 0.80
O1 EDO N . -13.27 -24.46 0.69
C2 EDO N . -12.18 -22.29 0.38
O2 EDO N . -13.25 -21.59 1.02
C1 EDO O . -30.30 -16.82 -12.33
O1 EDO O . -29.82 -16.37 -13.61
C2 EDO O . -30.39 -15.66 -11.36
O2 EDO O . -29.09 -15.09 -11.10
C1 EDO P . -15.55 -21.33 4.62
O1 EDO P . -16.06 -20.04 4.30
C2 EDO P . -15.74 -21.51 6.10
O2 EDO P . -17.13 -21.27 6.44
CL CL Q . 7.01 17.79 15.27
CL CL R . 2.44 14.81 -16.43
NA NA S . 12.59 7.92 -1.49
NA NA T . 11.80 16.54 40.49
C1 EDO U . 8.31 4.13 23.63
O1 EDO U . 9.03 3.40 24.64
C2 EDO U . 7.48 5.19 24.26
O2 EDO U . 6.53 4.70 25.21
C1 EDO V . 13.76 38.12 -1.41
O1 EDO V . 14.89 38.52 -2.18
C2 EDO V . 13.37 39.28 -0.52
O2 EDO V . 14.40 39.60 0.43
C1 EDO W . 18.00 40.69 -0.94
O1 EDO W . 16.69 40.36 -0.49
C2 EDO W . 17.98 41.01 -2.42
O2 EDO W . 17.42 39.93 -3.16
C1 EDO X . 10.14 15.79 -4.64
O1 EDO X . 9.03 14.94 -4.40
C2 EDO X . 9.68 17.17 -5.02
O2 EDO X . 8.74 17.73 -4.11
C1 EDO Y . -13.77 32.90 2.78
O1 EDO Y . -14.09 33.30 1.45
C2 EDO Y . -12.39 32.31 2.79
O2 EDO Y . -11.49 33.37 2.51
C1 EDO Z . -16.38 31.70 14.40
O1 EDO Z . -17.62 31.16 14.89
C2 EDO Z . -15.72 32.49 15.50
O2 EDO Z . -14.89 31.61 16.26
C1 EDO AA . 0.76 15.36 24.47
O1 EDO AA . -0.28 15.85 25.31
C2 EDO AA . 1.68 16.52 24.12
O2 EDO AA . 1.96 17.31 25.28
C1 EDO BA . 4.55 18.09 -3.61
O1 EDO BA . 3.62 17.12 -4.15
C2 EDO BA . 5.64 17.41 -2.78
O2 EDO BA . 6.40 16.38 -3.47
C1 EDO CA . 16.38 33.26 -8.18
O1 EDO CA . 17.03 32.26 -7.36
C2 EDO CA . 16.10 34.50 -7.35
O2 EDO CA . 15.41 34.11 -6.15
C1 EDO DA . -9.70 38.27 2.44
O1 EDO DA . -9.93 37.81 3.78
C2 EDO DA . -9.21 37.13 1.55
O2 EDO DA . -10.00 35.93 1.64
#